data_6OMP
#
_entry.id   6OMP
#
_cell.length_a   114.237
_cell.length_b   121.957
_cell.length_c   138.159
_cell.angle_alpha   90.000
_cell.angle_beta   90.000
_cell.angle_gamma   90.000
#
_symmetry.space_group_name_H-M   'I 2 2 2'
#
loop_
_entity.id
_entity.type
_entity.pdbx_description
1 polymer PtmU3
2 non-polymer 'ACETATE ION'
3 non-polymer 'MANGANESE (II) ION'
4 water water
#
_entity_poly.entity_id   1
_entity_poly.type   'polypeptide(L)'
_entity_poly.pdbx_seq_one_letter_code
;MEKLWLNSADSHVLEPDDLWERALPAALRDRAPRCVRDNGRETVYVDGQVVRRDPLDFADAMRPPGALDHHIRLKDLDDQ
GIWGEVVFPSRGLWTAVMTDPVLARECIKVYNDWLKSDFLSLSPRLVGAAMVSMLDTDDAVAELRRAADLGYQTVFLAAT
PPPGREFNMDVWEPLWAAAEEAGMTVSIHIGTGADTVVARGPGGAVINYVETLFPAQRAVAQLVASGALDRHPGLRVLIA
EAGCAWVPALADRMDEAYRQHGMFVRPKLSMLPGELVRRQVYASFQHDETAIGAVTAMNYTNVLWGSDYPHLEGTFPRTQ
EVVTELFAGVDPEVRDLITRRNFTDLFTVPALPATV
;
_entity_poly.pdbx_strand_id   A,B
#
# COMPACT_ATOMS: atom_id res chain seq x y z
N MET A 1 10.60 10.96 33.78
CA MET A 1 10.20 11.99 34.80
C MET A 1 9.57 13.20 34.09
N GLU A 2 10.31 13.80 33.14
CA GLU A 2 9.90 15.00 32.35
C GLU A 2 8.87 14.58 31.28
N LYS A 3 7.83 15.38 31.08
CA LYS A 3 6.81 15.09 30.03
C LYS A 3 6.67 16.32 29.12
N LEU A 4 6.17 16.06 27.89
CA LEU A 4 5.86 17.08 26.87
C LEU A 4 4.38 16.92 26.55
N TRP A 5 3.57 18.00 26.57
CA TRP A 5 2.17 17.95 26.13
C TRP A 5 2.12 17.62 24.64
N LEU A 6 1.21 16.70 24.31
CA LEU A 6 0.91 16.21 22.92
C LEU A 6 -0.59 16.33 22.69
N ASN A 7 -1.04 16.45 21.46
CA ASN A 7 -2.44 16.15 21.12
C ASN A 7 -2.46 14.83 20.32
N SER A 8 -3.54 14.07 20.41
CA SER A 8 -3.71 12.74 19.77
C SER A 8 -4.83 12.80 18.77
N ALA A 9 -4.53 12.38 17.52
CA ALA A 9 -5.56 12.30 16.45
C ALA A 9 -6.34 10.98 16.42
N ASP A 10 -6.17 10.09 17.39
CA ASP A 10 -6.81 8.77 17.35
C ASP A 10 -6.88 8.12 18.73
N SER A 11 -8.08 7.74 19.07
CA SER A 11 -8.41 6.85 20.21
C SER A 11 -9.81 6.34 20.03
N HIS A 12 -10.19 5.43 20.93
CA HIS A 12 -11.52 4.78 20.87
C HIS A 12 -12.19 4.85 22.24
N VAL A 13 -13.51 4.85 22.17
CA VAL A 13 -14.36 4.67 23.38
C VAL A 13 -15.23 3.43 23.28
N LEU A 14 -15.37 2.72 24.41
CA LEU A 14 -16.21 1.50 24.52
C LEU A 14 -17.57 1.95 25.01
N GLU A 15 -18.59 1.77 24.19
CA GLU A 15 -19.98 2.22 24.38
C GLU A 15 -20.61 1.33 25.43
N PRO A 16 -21.67 1.82 26.14
CA PRO A 16 -22.40 0.98 27.09
C PRO A 16 -22.95 -0.26 26.34
N ASP A 17 -22.82 -1.45 26.96
CA ASP A 17 -23.35 -2.72 26.36
C ASP A 17 -24.79 -2.51 25.91
N ASP A 18 -25.61 -1.78 26.69
CA ASP A 18 -27.06 -1.63 26.42
C ASP A 18 -27.37 -0.32 25.69
N LEU A 19 -26.38 0.39 25.14
CA LEU A 19 -26.63 1.70 24.47
C LEU A 19 -27.81 1.60 23.52
N TRP A 20 -27.79 0.63 22.59
CA TRP A 20 -28.83 0.55 21.53
C TRP A 20 -30.07 -0.21 22.03
N GLU A 21 -29.87 -1.28 22.80
CA GLU A 21 -30.96 -2.08 23.41
C GLU A 21 -31.93 -1.15 24.15
N ARG A 22 -31.42 -0.16 24.88
CA ARG A 22 -32.25 0.71 25.76
C ARG A 22 -32.89 1.85 24.96
N ALA A 23 -32.37 2.23 23.79
CA ALA A 23 -32.77 3.49 23.11
C ALA A 23 -33.55 3.26 21.83
N LEU A 24 -33.46 2.08 21.22
CA LEU A 24 -34.07 1.83 19.89
C LEU A 24 -35.45 1.20 20.03
N PRO A 25 -36.36 1.42 19.07
CA PRO A 25 -37.66 0.74 19.08
C PRO A 25 -37.51 -0.77 18.86
N ALA A 26 -38.58 -1.53 19.12
CA ALA A 26 -38.56 -3.00 19.20
C ALA A 26 -38.12 -3.58 17.85
N ALA A 27 -38.46 -2.93 16.75
CA ALA A 27 -38.13 -3.45 15.40
C ALA A 27 -36.60 -3.48 15.20
N LEU A 28 -35.82 -2.70 15.98
CA LEU A 28 -34.35 -2.48 15.73
C LEU A 28 -33.50 -2.94 16.91
N ARG A 29 -34.01 -2.84 18.14
CA ARG A 29 -33.18 -2.78 19.36
C ARG A 29 -32.43 -4.11 19.58
N ASP A 30 -32.83 -5.22 18.95
CA ASP A 30 -32.14 -6.53 19.14
C ASP A 30 -31.09 -6.74 18.02
N ARG A 31 -31.03 -5.86 17.03
CA ARG A 31 -30.20 -6.09 15.82
C ARG A 31 -29.00 -5.15 15.82
N ALA A 32 -28.84 -4.34 16.87
CA ALA A 32 -27.71 -3.38 16.93
C ALA A 32 -26.45 -4.12 17.33
N PRO A 33 -25.23 -3.56 17.12
CA PRO A 33 -24.00 -4.27 17.41
C PRO A 33 -23.96 -4.64 18.90
N ARG A 34 -23.55 -5.88 19.18
CA ARG A 34 -23.49 -6.55 20.50
C ARG A 34 -22.15 -7.31 20.58
N CYS A 35 -21.34 -7.03 21.59
CA CYS A 35 -20.01 -7.65 21.80
C CYS A 35 -20.08 -8.59 23.01
N VAL A 36 -19.68 -9.85 22.84
CA VAL A 36 -19.54 -10.82 23.95
C VAL A 36 -18.05 -11.16 24.07
N ARG A 37 -17.52 -11.02 25.27
CA ARG A 37 -16.17 -11.49 25.64
C ARG A 37 -16.47 -12.59 26.62
N ASP A 38 -16.17 -13.80 26.20
CA ASP A 38 -16.45 -15.03 26.96
C ASP A 38 -15.46 -16.09 26.50
N ASN A 39 -14.92 -16.84 27.43
CA ASN A 39 -14.15 -18.07 27.12
C ASN A 39 -12.96 -17.79 26.18
N GLY A 40 -12.25 -16.67 26.36
CA GLY A 40 -11.04 -16.42 25.54
C GLY A 40 -11.33 -15.89 24.16
N ARG A 41 -12.54 -15.41 23.86
CA ARG A 41 -12.73 -14.77 22.54
C ARG A 41 -13.78 -13.68 22.59
N GLU A 42 -13.68 -12.79 21.63
CA GLU A 42 -14.63 -11.69 21.42
C GLU A 42 -15.48 -12.05 20.23
N THR A 43 -16.80 -12.05 20.46
CA THR A 43 -17.83 -12.26 19.43
C THR A 43 -18.64 -10.99 19.28
N VAL A 44 -18.83 -10.53 18.04
CA VAL A 44 -19.69 -9.39 17.68
C VAL A 44 -20.83 -9.85 16.77
N TYR A 45 -22.06 -9.53 17.19
CA TYR A 45 -23.31 -9.73 16.46
C TYR A 45 -23.76 -8.41 15.90
N VAL A 46 -24.15 -8.39 14.63
CA VAL A 46 -24.85 -7.27 13.95
C VAL A 46 -25.95 -7.89 13.08
N ASP A 47 -27.19 -7.48 13.32
CA ASP A 47 -28.39 -7.79 12.50
C ASP A 47 -28.37 -9.28 12.10
N GLY A 48 -28.18 -10.16 13.08
CA GLY A 48 -28.33 -11.62 12.93
C GLY A 48 -27.09 -12.28 12.36
N GLN A 49 -25.99 -11.52 12.21
CA GLN A 49 -24.71 -12.00 11.63
C GLN A 49 -23.62 -11.96 12.70
N VAL A 50 -22.85 -13.02 12.79
CA VAL A 50 -21.53 -13.02 13.46
C VAL A 50 -20.52 -12.33 12.52
N VAL A 51 -20.13 -11.10 12.85
CA VAL A 51 -19.20 -10.30 12.01
C VAL A 51 -17.76 -10.47 12.51
N ARG A 52 -17.57 -10.97 13.73
CA ARG A 52 -16.24 -11.13 14.35
C ARG A 52 -16.32 -12.22 15.38
N ARG A 53 -15.27 -13.02 15.44
CA ARG A 53 -15.06 -14.14 16.36
C ARG A 53 -13.54 -14.25 16.53
N ASP A 54 -12.95 -13.35 17.32
CA ASP A 54 -11.48 -13.17 17.39
C ASP A 54 -10.98 -13.65 18.76
N PRO A 55 -9.83 -14.34 18.79
CA PRO A 55 -9.20 -14.75 20.03
C PRO A 55 -8.76 -13.54 20.84
N LEU A 56 -8.81 -13.71 22.15
CA LEU A 56 -8.36 -12.74 23.17
C LEU A 56 -7.23 -13.41 23.92
N ASP A 57 -6.34 -12.63 24.49
CA ASP A 57 -5.28 -13.20 25.36
C ASP A 57 -5.63 -12.77 26.78
N PHE A 58 -6.38 -13.64 27.49
CA PHE A 58 -6.87 -13.40 28.87
C PHE A 58 -5.70 -13.09 29.82
N ALA A 59 -4.45 -13.38 29.41
CA ALA A 59 -3.22 -13.10 30.21
C ALA A 59 -2.55 -11.80 29.72
N ASP A 60 -2.07 -11.75 28.47
CA ASP A 60 -1.08 -10.72 27.98
C ASP A 60 -1.70 -9.61 27.08
N ALA A 61 -2.97 -9.67 26.69
CA ALA A 61 -3.65 -8.59 25.93
C ALA A 61 -4.77 -8.01 26.81
N MET A 62 -4.50 -7.73 28.11
CA MET A 62 -5.55 -7.32 29.09
C MET A 62 -5.86 -5.82 28.87
N ARG A 63 -7.13 -5.45 28.86
CA ARG A 63 -7.56 -4.07 28.52
C ARG A 63 -7.24 -3.13 29.67
N PRO A 64 -6.74 -1.92 29.36
CA PRO A 64 -6.54 -0.90 30.39
C PRO A 64 -7.85 -0.65 31.14
N PRO A 65 -7.80 -0.55 32.48
CA PRO A 65 -8.97 -0.17 33.28
C PRO A 65 -9.66 1.08 32.73
N GLY A 66 -8.90 2.04 32.22
CA GLY A 66 -9.50 3.27 31.67
C GLY A 66 -10.33 3.04 30.41
N ALA A 67 -10.24 1.87 29.78
CA ALA A 67 -11.18 1.51 28.70
C ALA A 67 -12.58 1.27 29.29
N LEU A 68 -12.64 0.89 30.56
CA LEU A 68 -13.88 0.39 31.22
C LEU A 68 -14.46 1.44 32.17
N ASP A 69 -13.72 2.50 32.43
CA ASP A 69 -14.08 3.54 33.44
C ASP A 69 -13.58 4.85 32.91
N HIS A 70 -14.47 5.72 32.43
CA HIS A 70 -14.11 6.96 31.73
C HIS A 70 -13.42 7.94 32.70
N HIS A 71 -13.58 7.79 34.03
CA HIS A 71 -12.84 8.65 35.00
C HIS A 71 -11.36 8.25 34.97
N ILE A 72 -11.07 6.96 34.87
CA ILE A 72 -9.66 6.49 34.77
C ILE A 72 -9.11 6.95 33.40
N ARG A 73 -9.93 6.92 32.33
CA ARG A 73 -9.47 7.42 30.99
C ARG A 73 -8.92 8.87 31.12
N LEU A 74 -9.66 9.74 31.79
CA LEU A 74 -9.19 11.15 31.93
C LEU A 74 -7.92 11.23 32.78
N LYS A 75 -7.76 10.37 33.79
CA LYS A 75 -6.49 10.34 34.54
C LYS A 75 -5.37 9.89 33.60
N ASP A 76 -5.68 8.93 32.74
CA ASP A 76 -4.68 8.40 31.79
C ASP A 76 -4.26 9.48 30.78
N LEU A 77 -5.15 10.32 30.30
CA LEU A 77 -4.72 11.46 29.43
C LEU A 77 -3.66 12.30 30.14
N ASP A 78 -3.97 12.72 31.38
CA ASP A 78 -2.99 13.58 32.10
C ASP A 78 -1.69 12.81 32.28
N ASP A 79 -1.75 11.55 32.66
CA ASP A 79 -0.58 10.69 32.97
C ASP A 79 0.30 10.55 31.72
N GLN A 80 -0.34 10.38 30.57
CA GLN A 80 0.35 10.22 29.26
C GLN A 80 0.79 11.56 28.68
N GLY A 81 0.41 12.72 29.25
CA GLY A 81 0.82 13.99 28.67
C GLY A 81 0.06 14.30 27.41
N ILE A 82 -1.20 13.82 27.27
CA ILE A 82 -2.07 14.10 26.09
C ILE A 82 -3.12 15.15 26.49
N TRP A 83 -3.13 16.27 25.79
CA TRP A 83 -4.07 17.38 26.04
C TRP A 83 -5.37 17.10 25.29
N GLY A 84 -5.34 17.28 23.97
CA GLY A 84 -6.49 17.06 23.08
C GLY A 84 -6.45 15.65 22.49
N GLU A 85 -7.61 15.03 22.39
CA GLU A 85 -7.69 13.66 21.79
C GLU A 85 -9.00 13.46 21.03
N VAL A 86 -8.85 13.02 19.76
CA VAL A 86 -10.00 12.61 18.92
C VAL A 86 -10.45 11.26 19.42
N VAL A 87 -11.75 11.04 19.44
CA VAL A 87 -12.32 9.79 19.97
C VAL A 87 -13.26 9.19 18.93
N PHE A 88 -12.86 8.00 18.47
CA PHE A 88 -13.63 7.20 17.50
C PHE A 88 -14.50 6.19 18.23
N PRO A 89 -15.54 5.64 17.56
CA PRO A 89 -16.31 4.56 18.15
C PRO A 89 -15.53 3.27 18.32
N SER A 90 -16.15 2.28 18.98
CA SER A 90 -15.68 0.88 19.02
C SER A 90 -16.80 0.00 18.47
N ARG A 91 -17.78 -0.35 19.30
CA ARG A 91 -18.93 -1.16 18.82
C ARG A 91 -19.64 -0.40 17.70
N GLY A 92 -19.66 0.93 17.74
CA GLY A 92 -20.32 1.79 16.75
C GLY A 92 -19.81 1.58 15.32
N LEU A 93 -18.55 1.18 15.18
CA LEU A 93 -17.87 1.03 13.89
C LEU A 93 -18.58 -0.06 13.09
N TRP A 94 -19.26 -0.96 13.77
CA TRP A 94 -19.99 -2.09 13.11
C TRP A 94 -21.22 -1.60 12.36
N THR A 95 -21.67 -0.37 12.58
CA THR A 95 -22.74 0.20 11.72
C THR A 95 -22.29 0.25 10.25
N ALA A 96 -20.97 0.22 9.97
CA ALA A 96 -20.41 0.33 8.60
C ALA A 96 -20.57 -0.98 7.81
N VAL A 97 -20.85 -2.11 8.45
CA VAL A 97 -21.05 -3.42 7.75
C VAL A 97 -22.54 -3.75 7.72
N MET A 98 -23.41 -2.85 8.20
CA MET A 98 -24.88 -3.08 8.13
C MET A 98 -25.34 -2.96 6.69
N THR A 99 -26.32 -3.80 6.32
CA THR A 99 -26.95 -3.79 4.97
C THR A 99 -28.31 -3.05 5.04
N ASP A 100 -28.91 -2.92 6.23
CA ASP A 100 -30.20 -2.19 6.43
C ASP A 100 -29.97 -0.70 6.71
N PRO A 101 -30.37 0.20 5.79
CA PRO A 101 -30.11 1.62 5.98
C PRO A 101 -30.94 2.23 7.12
N VAL A 102 -32.09 1.64 7.46
CA VAL A 102 -32.91 2.16 8.59
C VAL A 102 -32.18 1.91 9.91
N LEU A 103 -31.77 0.66 10.16
CA LEU A 103 -31.03 0.26 11.36
C LEU A 103 -29.77 1.13 11.48
N ALA A 104 -29.01 1.29 10.40
CA ALA A 104 -27.73 2.05 10.41
C ALA A 104 -28.05 3.50 10.79
N ARG A 105 -28.99 4.13 10.08
CA ARG A 105 -29.37 5.54 10.34
C ARG A 105 -29.72 5.71 11.82
N GLU A 106 -30.58 4.85 12.35
CA GLU A 106 -31.11 5.00 13.74
C GLU A 106 -30.02 4.66 14.75
N CYS A 107 -29.23 3.62 14.54
CA CYS A 107 -28.10 3.28 15.45
C CYS A 107 -27.10 4.44 15.49
N ILE A 108 -26.90 5.11 14.35
CA ILE A 108 -25.93 6.24 14.25
C ILE A 108 -26.46 7.42 15.07
N LYS A 109 -27.75 7.74 14.94
CA LYS A 109 -28.34 8.86 15.73
C LYS A 109 -28.15 8.59 17.22
N VAL A 110 -28.44 7.37 17.70
CA VAL A 110 -28.32 6.97 19.13
C VAL A 110 -26.87 7.14 19.59
N TYR A 111 -25.91 6.63 18.81
CA TYR A 111 -24.48 6.78 19.14
C TYR A 111 -24.14 8.28 19.25
N ASN A 112 -24.43 9.09 18.23
CA ASN A 112 -24.02 10.51 18.18
C ASN A 112 -24.62 11.28 19.37
N ASP A 113 -25.82 10.92 19.80
CA ASP A 113 -26.50 11.64 20.91
C ASP A 113 -25.84 11.25 22.23
N TRP A 114 -25.54 9.97 22.42
CA TRP A 114 -24.92 9.38 23.64
C TRP A 114 -23.50 9.93 23.81
N LEU A 115 -22.70 9.84 22.75
CA LEU A 115 -21.31 10.36 22.81
C LEU A 115 -21.33 11.81 23.31
N LYS A 116 -22.16 12.69 22.74
CA LYS A 116 -22.21 14.11 23.14
C LYS A 116 -22.68 14.21 24.61
N SER A 117 -23.80 13.60 24.94
CA SER A 117 -24.47 13.73 26.28
C SER A 117 -23.60 13.17 27.41
N ASP A 118 -23.10 11.95 27.25
CA ASP A 118 -22.56 11.19 28.39
C ASP A 118 -21.03 11.05 28.37
N PHE A 119 -20.35 11.31 27.25
CA PHE A 119 -18.88 11.07 27.21
C PHE A 119 -18.15 12.40 26.94
N LEU A 120 -18.49 13.13 25.90
CA LEU A 120 -17.80 14.36 25.49
C LEU A 120 -18.03 15.43 26.58
N SER A 121 -19.15 15.31 27.26
CA SER A 121 -19.50 16.21 28.41
C SER A 121 -18.46 16.12 29.53
N LEU A 122 -17.65 15.06 29.61
CA LEU A 122 -16.64 14.86 30.68
C LEU A 122 -15.47 15.82 30.52
N SER A 123 -15.15 16.25 29.31
CA SER A 123 -14.02 17.19 29.07
C SER A 123 -14.01 17.68 27.65
N PRO A 124 -13.89 19.00 27.40
CA PRO A 124 -13.75 19.52 26.05
C PRO A 124 -12.36 19.24 25.43
N ARG A 125 -11.47 18.60 26.16
CA ARG A 125 -10.23 18.04 25.54
C ARG A 125 -10.58 16.88 24.61
N LEU A 126 -11.76 16.27 24.76
CA LEU A 126 -12.22 15.15 23.89
C LEU A 126 -12.90 15.73 22.64
N VAL A 127 -12.47 15.30 21.45
CA VAL A 127 -13.05 15.72 20.17
C VAL A 127 -13.72 14.48 19.56
N GLY A 128 -15.05 14.45 19.56
CA GLY A 128 -15.78 13.25 19.11
C GLY A 128 -15.90 13.23 17.61
N ALA A 129 -15.85 12.02 17.05
CA ALA A 129 -16.19 11.79 15.64
C ALA A 129 -17.64 11.32 15.59
N ALA A 130 -18.49 12.05 14.88
CA ALA A 130 -19.88 11.63 14.62
C ALA A 130 -19.87 10.63 13.48
N MET A 131 -20.65 9.57 13.62
CA MET A 131 -20.89 8.62 12.52
C MET A 131 -21.94 9.21 11.58
N VAL A 132 -21.89 8.81 10.30
CA VAL A 132 -22.93 9.14 9.29
C VAL A 132 -23.14 7.90 8.40
N SER A 133 -24.34 7.74 7.85
CA SER A 133 -24.69 6.48 7.13
C SER A 133 -23.70 6.26 5.97
N MET A 134 -23.20 5.04 5.83
CA MET A 134 -22.31 4.63 4.72
C MET A 134 -23.20 4.17 3.57
N LEU A 135 -24.52 4.00 3.83
CA LEU A 135 -25.46 3.29 2.91
C LEU A 135 -26.29 4.28 2.09
N ASP A 136 -26.61 5.44 2.65
CA ASP A 136 -27.61 6.38 2.07
C ASP A 136 -27.12 7.83 2.21
N THR A 137 -26.96 8.52 1.09
CA THR A 137 -26.36 9.88 1.04
C THR A 137 -27.29 10.87 1.76
N ASP A 138 -28.60 10.86 1.49
CA ASP A 138 -29.56 11.79 2.14
C ASP A 138 -29.42 11.65 3.67
N ASP A 139 -29.41 10.42 4.19
CA ASP A 139 -29.26 10.07 5.64
C ASP A 139 -27.89 10.62 6.12
N ALA A 140 -26.83 10.45 5.33
CA ALA A 140 -25.47 10.86 5.76
C ALA A 140 -25.42 12.39 5.88
N VAL A 141 -25.93 13.10 4.88
CA VAL A 141 -25.92 14.59 4.82
C VAL A 141 -26.79 15.10 5.97
N ALA A 142 -27.99 14.55 6.16
CA ALA A 142 -28.89 14.94 7.26
C ALA A 142 -28.13 14.86 8.58
N GLU A 143 -27.53 13.71 8.89
CA GLU A 143 -26.84 13.46 10.19
C GLU A 143 -25.59 14.34 10.29
N LEU A 144 -24.85 14.57 9.20
CA LEU A 144 -23.67 15.47 9.26
C LEU A 144 -24.11 16.87 9.68
N ARG A 145 -25.20 17.38 9.06
CA ARG A 145 -25.79 18.73 9.36
C ARG A 145 -26.27 18.74 10.83
N ARG A 146 -26.95 17.69 11.29
CA ARG A 146 -27.44 17.60 12.68
C ARG A 146 -26.24 17.57 13.62
N ALA A 147 -25.20 16.82 13.23
CA ALA A 147 -23.98 16.68 14.06
C ALA A 147 -23.26 18.04 14.14
N ALA A 148 -23.23 18.78 13.05
CA ALA A 148 -22.56 20.09 12.95
C ALA A 148 -23.25 21.06 13.92
N ASP A 149 -24.59 21.05 13.91
CA ASP A 149 -25.39 21.92 14.83
C ASP A 149 -25.06 21.55 16.27
N LEU A 150 -24.88 20.26 16.57
CA LEU A 150 -24.52 19.76 17.91
C LEU A 150 -23.06 20.10 18.29
N GLY A 151 -22.25 20.65 17.38
CA GLY A 151 -20.88 21.12 17.70
C GLY A 151 -19.83 20.10 17.26
N TYR A 152 -20.23 19.00 16.63
CA TYR A 152 -19.23 18.02 16.11
C TYR A 152 -18.33 18.71 15.09
N GLN A 153 -17.08 18.28 15.07
CA GLN A 153 -15.97 18.88 14.29
C GLN A 153 -15.52 17.91 13.19
N THR A 154 -15.86 16.63 13.30
CA THR A 154 -15.41 15.60 12.32
C THR A 154 -16.46 14.51 12.25
N VAL A 155 -16.57 13.84 11.10
CA VAL A 155 -17.42 12.63 10.93
C VAL A 155 -16.52 11.44 10.61
N PHE A 156 -16.92 10.28 11.10
CA PHE A 156 -16.23 9.00 10.81
C PHE A 156 -16.87 8.40 9.55
N LEU A 157 -16.04 8.01 8.58
CA LEU A 157 -16.41 7.12 7.45
C LEU A 157 -15.54 5.86 7.54
N ALA A 158 -16.12 4.70 7.27
CA ALA A 158 -15.38 3.44 7.19
C ALA A 158 -14.49 3.43 5.93
N ALA A 159 -13.34 2.81 6.05
CA ALA A 159 -12.32 2.73 4.97
C ALA A 159 -12.85 1.89 3.80
N THR A 160 -13.64 0.85 4.08
CA THR A 160 -14.27 0.03 2.99
C THR A 160 -15.76 0.33 2.94
N PRO A 161 -16.24 1.14 1.98
CA PRO A 161 -17.64 1.47 1.84
C PRO A 161 -18.38 0.30 1.22
N PRO A 162 -19.72 0.29 1.36
CA PRO A 162 -20.54 -0.78 0.82
C PRO A 162 -20.32 -0.92 -0.69
N PRO A 163 -20.45 -2.14 -1.24
CA PRO A 163 -20.20 -2.34 -2.68
C PRO A 163 -21.11 -1.44 -3.53
N GLY A 164 -20.52 -0.74 -4.50
CA GLY A 164 -21.21 0.23 -5.36
C GLY A 164 -21.18 1.64 -4.80
N ARG A 165 -20.70 1.82 -3.57
CA ARG A 165 -20.59 3.16 -2.93
C ARG A 165 -19.10 3.49 -2.71
N GLU A 166 -18.22 3.08 -3.62
CA GLU A 166 -16.78 3.46 -3.56
C GLU A 166 -16.63 4.99 -3.53
N PHE A 167 -15.52 5.52 -3.02
CA PHE A 167 -15.41 6.97 -2.74
C PHE A 167 -15.25 7.83 -4.00
N ASN A 168 -15.04 7.19 -5.15
CA ASN A 168 -14.95 7.92 -6.45
C ASN A 168 -16.33 8.07 -7.10
N MET A 169 -17.40 7.53 -6.49
CA MET A 169 -18.75 7.57 -7.11
C MET A 169 -19.47 8.89 -6.81
N ASP A 170 -20.29 9.34 -7.76
CA ASP A 170 -21.14 10.56 -7.70
C ASP A 170 -22.01 10.55 -6.44
N VAL A 171 -22.36 9.37 -5.94
CA VAL A 171 -23.29 9.20 -4.80
C VAL A 171 -22.82 9.99 -3.57
N TRP A 172 -21.51 10.26 -3.42
CA TRP A 172 -20.92 10.96 -2.25
C TRP A 172 -20.89 12.48 -2.44
N GLU A 173 -21.08 13.00 -3.64
CA GLU A 173 -20.83 14.43 -3.92
C GLU A 173 -21.61 15.26 -2.90
N PRO A 174 -22.90 14.97 -2.62
CA PRO A 174 -23.66 15.77 -1.66
C PRO A 174 -23.04 15.85 -0.26
N LEU A 175 -22.39 14.76 0.19
CA LEU A 175 -21.73 14.71 1.51
C LEU A 175 -20.43 15.53 1.48
N TRP A 176 -19.66 15.47 0.38
CA TRP A 176 -18.43 16.31 0.21
C TRP A 176 -18.84 17.78 0.30
N ALA A 177 -19.93 18.18 -0.39
CA ALA A 177 -20.42 19.58 -0.38
C ALA A 177 -20.82 19.95 1.05
N ALA A 178 -21.55 19.09 1.75
CA ALA A 178 -22.08 19.37 3.10
C ALA A 178 -20.93 19.49 4.10
N ALA A 179 -19.94 18.60 4.03
CA ALA A 179 -18.79 18.61 4.95
C ALA A 179 -18.00 19.91 4.75
N GLU A 180 -17.73 20.30 3.52
CA GLU A 180 -16.96 21.53 3.20
C GLU A 180 -17.71 22.73 3.75
N GLU A 181 -19.00 22.86 3.45
CA GLU A 181 -19.90 23.94 3.95
C GLU A 181 -19.74 24.02 5.47
N ALA A 182 -19.83 22.89 6.16
CA ALA A 182 -19.86 22.81 7.64
C ALA A 182 -18.45 22.95 8.24
N GLY A 183 -17.39 22.92 7.42
CA GLY A 183 -15.99 22.92 7.92
C GLY A 183 -15.69 21.63 8.66
N MET A 184 -16.39 20.55 8.31
CA MET A 184 -16.25 19.26 9.03
CA MET A 184 -16.29 19.24 9.01
C MET A 184 -15.13 18.45 8.39
N THR A 185 -14.16 18.04 9.19
CA THR A 185 -13.10 17.10 8.75
C THR A 185 -13.76 15.74 8.49
N VAL A 186 -13.41 15.09 7.38
CA VAL A 186 -13.82 13.68 7.14
C VAL A 186 -12.69 12.76 7.61
N SER A 187 -12.96 11.94 8.64
CA SER A 187 -11.99 11.02 9.29
C SER A 187 -12.33 9.60 8.86
N ILE A 188 -11.46 9.02 8.04
CA ILE A 188 -11.60 7.64 7.51
C ILE A 188 -10.70 6.77 8.35
N HIS A 189 -11.28 5.95 9.20
CA HIS A 189 -10.50 5.12 10.13
C HIS A 189 -10.32 3.75 9.50
N ILE A 190 -9.10 3.24 9.51
CA ILE A 190 -8.91 1.92 8.87
C ILE A 190 -9.52 0.78 9.67
N GLY A 191 -9.56 -0.39 9.03
CA GLY A 191 -9.99 -1.63 9.68
C GLY A 191 -11.48 -1.64 9.87
N THR A 192 -12.22 -0.85 9.11
CA THR A 192 -13.69 -0.66 9.21
C THR A 192 -14.37 -0.86 7.85
N GLY A 193 -15.63 -1.30 7.87
CA GLY A 193 -16.38 -1.72 6.67
C GLY A 193 -16.15 -3.20 6.40
N ALA A 194 -16.79 -3.78 5.40
CA ALA A 194 -16.70 -5.27 5.25
C ALA A 194 -15.23 -5.66 5.09
N ASP A 195 -14.78 -6.78 5.68
CA ASP A 195 -13.35 -7.21 5.69
C ASP A 195 -12.96 -7.86 4.33
N THR A 196 -12.27 -7.10 3.48
CA THR A 196 -11.97 -7.40 2.03
C THR A 196 -11.17 -8.71 1.91
N VAL A 197 -10.01 -8.78 2.59
CA VAL A 197 -9.04 -9.92 2.51
C VAL A 197 -8.67 -10.30 3.95
N VAL A 198 -8.59 -11.61 4.25
CA VAL A 198 -8.13 -12.13 5.58
C VAL A 198 -7.11 -13.26 5.34
N ALA A 199 -5.88 -13.11 5.85
CA ALA A 199 -4.78 -14.10 5.74
C ALA A 199 -4.95 -15.17 6.81
N ARG A 200 -4.88 -16.45 6.42
CA ARG A 200 -5.14 -17.63 7.30
C ARG A 200 -3.85 -18.39 7.63
N GLY A 201 -2.77 -18.22 6.85
CA GLY A 201 -1.56 -19.02 7.03
C GLY A 201 -0.49 -18.36 7.91
N PRO A 202 0.74 -18.87 7.82
CA PRO A 202 1.87 -18.36 8.58
C PRO A 202 2.07 -16.84 8.43
N GLY A 203 2.33 -16.16 9.54
CA GLY A 203 2.58 -14.72 9.57
C GLY A 203 1.26 -13.94 9.56
N GLY A 204 0.16 -14.61 9.86
CA GLY A 204 -1.18 -14.04 9.65
C GLY A 204 -1.37 -12.74 10.42
N ALA A 205 -0.84 -12.64 11.65
CA ALA A 205 -1.08 -11.45 12.50
C ALA A 205 -0.42 -10.22 11.84
N VAL A 206 0.83 -10.38 11.39
CA VAL A 206 1.57 -9.30 10.70
C VAL A 206 0.90 -9.04 9.33
N ILE A 207 0.59 -10.08 8.55
CA ILE A 207 -0.04 -9.89 7.21
C ILE A 207 -1.37 -9.14 7.34
N ASN A 208 -2.26 -9.55 8.25
CA ASN A 208 -3.58 -8.89 8.41
C ASN A 208 -3.41 -7.43 8.82
N TYR A 209 -2.38 -7.11 9.60
CA TYR A 209 -2.11 -5.73 10.04
C TYR A 209 -1.75 -4.90 8.81
N VAL A 210 -1.02 -5.48 7.84
CA VAL A 210 -0.69 -4.78 6.57
C VAL A 210 -1.93 -4.69 5.65
N GLU A 211 -2.72 -5.75 5.57
CA GLU A 211 -3.91 -5.79 4.69
C GLU A 211 -4.84 -4.61 4.98
N THR A 212 -4.93 -4.14 6.22
CA THR A 212 -5.85 -3.02 6.56
C THR A 212 -5.37 -1.75 5.87
N LEU A 213 -4.08 -1.64 5.49
CA LEU A 213 -3.63 -0.44 4.73
C LEU A 213 -4.33 -0.32 3.39
N PHE A 214 -4.69 -1.43 2.72
CA PHE A 214 -5.03 -1.33 1.29
C PHE A 214 -6.32 -0.53 1.12
N PRO A 215 -7.40 -0.73 1.91
CA PRO A 215 -8.56 0.14 1.79
C PRO A 215 -8.22 1.63 2.02
N ALA A 216 -7.26 1.94 2.88
CA ALA A 216 -6.93 3.37 3.11
C ALA A 216 -6.26 3.99 1.88
N GLN A 217 -5.30 3.28 1.28
CA GLN A 217 -4.61 3.76 0.07
C GLN A 217 -5.63 3.89 -1.05
N ARG A 218 -6.49 2.89 -1.20
CA ARG A 218 -7.59 2.90 -2.20
C ARG A 218 -8.46 4.14 -1.96
N ALA A 219 -8.82 4.45 -0.70
CA ALA A 219 -9.76 5.57 -0.45
C ALA A 219 -9.12 6.89 -0.91
N VAL A 220 -7.86 7.08 -0.56
CA VAL A 220 -7.08 8.27 -0.96
C VAL A 220 -7.04 8.34 -2.48
N ALA A 221 -6.71 7.25 -3.14
CA ALA A 221 -6.69 7.19 -4.63
C ALA A 221 -8.09 7.56 -5.19
N GLN A 222 -9.16 7.02 -4.66
CA GLN A 222 -10.52 7.34 -5.14
C GLN A 222 -10.87 8.81 -4.93
N LEU A 223 -10.53 9.41 -3.78
CA LEU A 223 -10.84 10.82 -3.46
C LEU A 223 -10.03 11.78 -4.33
N VAL A 224 -8.79 11.43 -4.63
CA VAL A 224 -7.88 12.31 -5.41
C VAL A 224 -8.24 12.18 -6.89
N ALA A 225 -8.30 10.96 -7.41
CA ALA A 225 -8.49 10.69 -8.86
C ALA A 225 -9.89 11.12 -9.32
N SER A 226 -10.90 11.03 -8.47
CA SER A 226 -12.32 11.34 -8.80
C SER A 226 -12.58 12.84 -8.92
N GLY A 227 -11.71 13.69 -8.39
CA GLY A 227 -11.90 15.13 -8.28
C GLY A 227 -12.68 15.54 -7.04
N ALA A 228 -13.06 14.62 -6.16
CA ALA A 228 -13.79 14.94 -4.90
C ALA A 228 -13.04 16.07 -4.17
N LEU A 229 -11.74 15.93 -3.94
CA LEU A 229 -10.94 16.92 -3.19
C LEU A 229 -10.71 18.15 -4.07
N ASP A 230 -10.46 17.94 -5.36
CA ASP A 230 -10.23 19.06 -6.31
C ASP A 230 -11.46 19.99 -6.31
N ARG A 231 -12.66 19.43 -6.39
CA ARG A 231 -13.93 20.23 -6.45
C ARG A 231 -14.24 20.86 -5.09
N HIS A 232 -13.67 20.37 -3.97
CA HIS A 232 -13.97 20.87 -2.60
C HIS A 232 -12.68 21.26 -1.89
N PRO A 233 -12.06 22.40 -2.26
CA PRO A 233 -10.75 22.79 -1.73
C PRO A 233 -10.75 22.96 -0.20
N GLY A 234 -11.93 23.21 0.37
CA GLY A 234 -12.11 23.37 1.82
C GLY A 234 -12.26 22.04 2.53
N LEU A 235 -12.34 20.92 1.82
CA LEU A 235 -12.57 19.59 2.43
C LEU A 235 -11.23 18.96 2.83
N ARG A 236 -11.07 18.68 4.12
CA ARG A 236 -9.87 17.99 4.64
C ARG A 236 -10.24 16.56 5.04
N VAL A 237 -9.32 15.64 4.81
CA VAL A 237 -9.56 14.20 5.07
C VAL A 237 -8.45 13.71 5.98
N LEU A 238 -8.82 13.10 7.08
CA LEU A 238 -7.85 12.44 7.98
C LEU A 238 -7.95 10.94 7.79
N ILE A 239 -6.83 10.30 7.45
CA ILE A 239 -6.74 8.82 7.41
C ILE A 239 -6.21 8.41 8.76
N ALA A 240 -7.03 7.80 9.59
CA ALA A 240 -6.63 7.41 10.96
C ALA A 240 -6.12 5.98 11.05
N GLU A 241 -4.93 5.82 11.63
CA GLU A 241 -4.36 4.55 12.14
C GLU A 241 -3.78 3.72 10.99
N ALA A 242 -3.35 4.40 9.97
CA ALA A 242 -2.73 3.72 8.78
C ALA A 242 -1.24 4.03 8.67
N GLY A 243 -0.66 4.86 9.54
CA GLY A 243 0.73 5.29 9.33
C GLY A 243 0.74 6.38 8.27
N CYS A 244 1.92 6.82 7.87
CA CYS A 244 2.07 8.10 7.15
C CYS A 244 2.89 7.99 5.87
N ALA A 245 4.00 7.27 5.89
CA ALA A 245 5.02 7.42 4.84
C ALA A 245 4.53 6.84 3.50
N TRP A 246 3.44 6.07 3.48
CA TRP A 246 2.88 5.56 2.20
C TRP A 246 2.17 6.69 1.48
N VAL A 247 1.78 7.74 2.22
CA VAL A 247 0.96 8.82 1.65
C VAL A 247 1.78 9.60 0.61
N PRO A 248 3.02 10.10 0.88
CA PRO A 248 3.80 10.69 -0.22
C PRO A 248 4.17 9.65 -1.31
N ALA A 249 4.44 8.42 -0.93
CA ALA A 249 4.69 7.33 -1.93
C ALA A 249 3.49 7.29 -2.89
N LEU A 250 2.24 7.33 -2.39
CA LEU A 250 1.02 7.26 -3.22
C LEU A 250 0.82 8.52 -4.06
N ALA A 251 1.18 9.70 -3.55
CA ALA A 251 1.23 10.98 -4.28
C ALA A 251 2.10 10.80 -5.55
N ASP A 252 3.25 10.20 -5.39
CA ASP A 252 4.20 9.99 -6.50
C ASP A 252 3.59 8.99 -7.49
N ARG A 253 3.05 7.88 -7.00
CA ARG A 253 2.41 6.85 -7.87
C ARG A 253 1.31 7.52 -8.71
N MET A 254 0.43 8.28 -8.09
CA MET A 254 -0.69 8.92 -8.77
C MET A 254 -0.19 9.99 -9.76
N ASP A 255 0.88 10.72 -9.43
CA ASP A 255 1.45 11.74 -10.36
C ASP A 255 1.97 11.02 -11.62
N GLU A 256 2.60 9.88 -11.44
CA GLU A 256 3.20 9.11 -12.58
C GLU A 256 2.06 8.68 -13.51
N ALA A 257 0.93 8.20 -12.97
CA ALA A 257 -0.25 7.81 -13.77
C ALA A 257 -0.78 9.07 -14.46
N TYR A 258 -0.89 10.19 -13.74
CA TYR A 258 -1.54 11.41 -14.24
C TYR A 258 -0.71 11.94 -15.41
N ARG A 259 0.62 11.88 -15.30
CA ARG A 259 1.54 12.49 -16.29
C ARG A 259 1.80 11.52 -17.45
N GLN A 260 2.00 10.23 -17.19
CA GLN A 260 2.43 9.28 -18.26
C GLN A 260 1.21 8.59 -18.92
N HIS A 261 0.04 8.55 -18.27
CA HIS A 261 -1.18 7.87 -18.79
C HIS A 261 -2.26 8.90 -19.00
N GLY A 262 -1.88 10.16 -19.16
CA GLY A 262 -2.78 11.30 -19.32
C GLY A 262 -3.88 11.00 -20.31
N MET A 263 -3.61 10.21 -21.36
CA MET A 263 -4.60 10.00 -22.44
C MET A 263 -5.78 9.15 -21.91
N PHE A 264 -5.60 8.41 -20.80
CA PHE A 264 -6.63 7.50 -20.21
C PHE A 264 -7.28 8.11 -18.96
N VAL A 265 -6.83 9.29 -18.54
CA VAL A 265 -7.19 9.92 -17.24
C VAL A 265 -8.45 10.76 -17.42
N ARG A 266 -9.57 10.34 -16.83
CA ARG A 266 -10.80 11.16 -16.63
C ARG A 266 -11.28 10.99 -15.19
N PRO A 267 -11.65 12.05 -14.45
CA PRO A 267 -11.57 13.42 -14.94
C PRO A 267 -10.15 13.98 -14.93
N LYS A 268 -9.97 15.09 -15.63
CA LYS A 268 -8.81 16.00 -15.45
C LYS A 268 -8.94 16.67 -14.09
N LEU A 269 -7.81 16.94 -13.44
CA LEU A 269 -7.71 17.68 -12.16
C LEU A 269 -7.07 19.05 -12.42
N SER A 270 -7.36 20.03 -11.55
CA SER A 270 -6.90 21.44 -11.62
C SER A 270 -5.48 21.53 -11.08
N MET A 271 -5.03 20.49 -10.38
CA MET A 271 -3.62 20.34 -9.96
C MET A 271 -3.31 18.85 -9.88
N LEU A 272 -2.04 18.49 -9.81
CA LEU A 272 -1.58 17.10 -9.80
C LEU A 272 -2.07 16.41 -8.54
N PRO A 273 -2.27 15.08 -8.63
CA PRO A 273 -2.66 14.30 -7.46
C PRO A 273 -1.83 14.65 -6.21
N GLY A 274 -0.51 14.75 -6.32
CA GLY A 274 0.39 14.95 -5.17
C GLY A 274 0.14 16.30 -4.51
N GLU A 275 -0.25 17.32 -5.28
CA GLU A 275 -0.57 18.66 -4.74
C GLU A 275 -1.87 18.57 -3.93
N LEU A 276 -2.85 17.79 -4.40
CA LEU A 276 -4.13 17.58 -3.69
C LEU A 276 -3.85 16.80 -2.40
N VAL A 277 -3.00 15.79 -2.47
CA VAL A 277 -2.62 15.01 -1.26
C VAL A 277 -1.99 15.98 -0.24
N ARG A 278 -1.01 16.78 -0.65
CA ARG A 278 -0.23 17.63 0.28
C ARG A 278 -1.13 18.76 0.80
N ARG A 279 -2.17 19.14 0.06
CA ARG A 279 -3.08 20.22 0.51
C ARG A 279 -4.11 19.67 1.52
N GLN A 280 -4.70 18.50 1.28
CA GLN A 280 -5.99 18.13 1.93
C GLN A 280 -5.99 16.78 2.66
N VAL A 281 -5.00 15.92 2.47
CA VAL A 281 -4.99 14.55 3.04
C VAL A 281 -4.02 14.53 4.22
N TYR A 282 -4.57 14.27 5.41
CA TYR A 282 -3.84 14.08 6.67
C TYR A 282 -3.83 12.60 7.05
N ALA A 283 -2.91 12.19 7.91
CA ALA A 283 -2.72 10.77 8.29
C ALA A 283 -2.12 10.72 9.68
N SER A 284 -2.54 9.74 10.47
CA SER A 284 -2.07 9.56 11.84
C SER A 284 -1.21 8.30 11.95
N PHE A 285 -0.40 8.24 13.00
CA PHE A 285 0.49 7.11 13.35
C PHE A 285 0.72 7.08 14.85
N GLN A 286 1.18 5.95 15.40
CA GLN A 286 1.43 5.80 16.85
C GLN A 286 2.94 5.68 17.06
N HIS A 287 3.62 4.78 16.35
CA HIS A 287 5.02 4.41 16.66
C HIS A 287 5.98 4.68 15.47
N ASP A 288 5.44 4.95 14.27
CA ASP A 288 6.21 4.88 13.00
C ASP A 288 7.26 5.99 12.89
N GLU A 289 8.54 5.66 13.03
CA GLU A 289 9.65 6.61 12.82
C GLU A 289 9.57 7.21 11.42
N THR A 290 9.14 6.43 10.42
CA THR A 290 9.09 6.92 9.03
C THR A 290 8.16 8.12 8.92
N ALA A 291 7.25 8.33 9.88
CA ALA A 291 6.28 9.43 9.71
C ALA A 291 7.01 10.78 9.75
N ILE A 292 8.10 10.84 10.50
CA ILE A 292 8.97 12.04 10.64
C ILE A 292 9.75 12.27 9.35
N GLY A 293 10.30 11.21 8.76
CA GLY A 293 10.97 11.38 7.45
C GLY A 293 10.03 11.80 6.34
N ALA A 294 8.74 11.40 6.34
CA ALA A 294 7.72 11.91 5.40
C ALA A 294 7.69 13.44 5.46
N VAL A 295 7.71 14.01 6.67
CA VAL A 295 7.74 15.48 6.81
C VAL A 295 9.10 16.07 6.34
N THR A 296 10.21 15.58 6.83
CA THR A 296 11.53 16.23 6.71
C THR A 296 12.08 16.02 5.30
N ALA A 297 11.78 14.89 4.67
CA ALA A 297 12.37 14.56 3.34
C ALA A 297 11.39 14.46 2.16
N MET A 298 10.07 14.37 2.35
CA MET A 298 9.09 14.13 1.26
C MET A 298 8.08 15.25 1.19
N ASN A 299 8.31 16.36 1.91
CA ASN A 299 7.44 17.54 1.76
C ASN A 299 5.99 17.11 2.00
N TYR A 300 5.77 16.22 2.95
CA TYR A 300 4.40 15.82 3.35
C TYR A 300 4.18 16.31 4.79
N THR A 301 3.47 17.41 4.93
CA THR A 301 3.45 18.14 6.24
C THR A 301 2.22 17.76 7.08
N ASN A 302 1.34 16.89 6.59
CA ASN A 302 -0.01 16.65 7.17
C ASN A 302 0.02 15.39 8.07
N VAL A 303 1.14 15.12 8.72
CA VAL A 303 1.32 13.99 9.65
C VAL A 303 0.77 14.44 11.02
N LEU A 304 -0.03 13.60 11.67
CA LEU A 304 -0.50 13.82 13.07
C LEU A 304 -0.14 12.60 13.90
N TRP A 305 0.34 12.82 15.10
CA TRP A 305 0.54 11.74 16.09
C TRP A 305 -0.82 11.37 16.70
N GLY A 306 -1.04 10.05 16.90
CA GLY A 306 -2.18 9.50 17.67
C GLY A 306 -1.73 8.44 18.67
N SER A 307 -2.44 8.34 19.82
CA SER A 307 -2.13 7.35 20.85
C SER A 307 -2.75 6.00 20.53
N ASP A 308 -3.86 6.01 19.83
CA ASP A 308 -4.78 4.88 19.60
C ASP A 308 -5.14 4.18 20.90
N TYR A 309 -5.25 4.94 21.99
CA TYR A 309 -5.81 4.39 23.23
C TYR A 309 -7.20 3.82 22.99
N PRO A 310 -7.58 2.68 23.60
CA PRO A 310 -6.74 1.80 24.39
C PRO A 310 -6.30 0.52 23.69
N HIS A 311 -6.11 0.60 22.39
CA HIS A 311 -5.76 -0.58 21.56
C HIS A 311 -4.30 -1.04 21.88
N LEU A 312 -4.04 -2.33 21.61
CA LEU A 312 -2.70 -2.92 21.73
C LEU A 312 -1.72 -2.13 20.87
N GLU A 313 -2.13 -1.67 19.68
CA GLU A 313 -1.20 -1.04 18.70
C GLU A 313 -0.97 0.43 19.06
N GLY A 314 -1.64 0.89 20.11
CA GLY A 314 -1.37 2.24 20.61
C GLY A 314 -0.18 2.30 21.53
N THR A 315 0.10 3.48 22.10
CA THR A 315 1.35 3.74 22.87
C THR A 315 1.16 3.48 24.37
N PHE A 316 -0.07 3.46 24.87
CA PHE A 316 -0.31 3.39 26.34
C PHE A 316 0.41 2.18 26.92
N PRO A 317 1.09 2.25 28.08
CA PRO A 317 1.23 3.47 28.90
C PRO A 317 2.57 4.18 28.71
N ARG A 318 3.22 3.93 27.59
CA ARG A 318 4.58 4.44 27.26
C ARG A 318 4.53 5.57 26.26
N THR A 319 3.49 6.40 26.25
CA THR A 319 3.35 7.51 25.30
C THR A 319 4.59 8.42 25.33
N GLN A 320 4.95 8.94 26.52
CA GLN A 320 6.08 9.88 26.61
C GLN A 320 7.40 9.24 26.16
N GLU A 321 7.65 8.01 26.56
CA GLU A 321 8.89 7.28 26.19
C GLU A 321 8.94 7.03 24.68
N VAL A 322 7.80 6.75 24.06
CA VAL A 322 7.73 6.53 22.59
C VAL A 322 8.05 7.83 21.88
N VAL A 323 7.44 8.96 22.28
CA VAL A 323 7.62 10.26 21.59
C VAL A 323 9.05 10.75 21.83
N THR A 324 9.62 10.45 22.99
CA THR A 324 11.03 10.83 23.30
C THR A 324 11.97 10.15 22.29
N GLU A 325 11.80 8.84 22.11
CA GLU A 325 12.65 8.06 21.17
C GLU A 325 12.40 8.55 19.75
N LEU A 326 11.14 8.74 19.37
CA LEU A 326 10.81 9.19 18.00
C LEU A 326 11.55 10.49 17.69
N PHE A 327 11.54 11.45 18.63
CA PHE A 327 11.97 12.82 18.27
C PHE A 327 13.39 13.12 18.76
N ALA A 328 14.18 12.16 19.26
CA ALA A 328 15.60 12.37 19.62
C ALA A 328 16.31 12.96 18.39
N GLY A 329 16.83 14.18 18.53
CA GLY A 329 17.67 14.76 17.48
C GLY A 329 16.85 15.26 16.32
N VAL A 330 15.55 15.46 16.52
CA VAL A 330 14.66 15.95 15.44
C VAL A 330 14.42 17.43 15.72
N ASP A 331 14.30 18.26 14.68
CA ASP A 331 13.98 19.71 14.82
C ASP A 331 12.73 19.81 15.69
N PRO A 332 12.71 20.67 16.74
CA PRO A 332 11.53 20.81 17.58
C PRO A 332 10.32 21.37 16.83
N GLU A 333 10.56 22.13 15.76
CA GLU A 333 9.48 22.65 14.89
C GLU A 333 8.74 21.48 14.27
N VAL A 334 9.47 20.43 13.88
CA VAL A 334 8.85 19.22 13.27
C VAL A 334 8.07 18.48 14.37
N ARG A 335 8.63 18.34 15.56
CA ARG A 335 7.92 17.72 16.69
C ARG A 335 6.63 18.52 16.96
N ASP A 336 6.69 19.85 16.97
CA ASP A 336 5.49 20.68 17.25
C ASP A 336 4.44 20.44 16.14
N LEU A 337 4.82 20.45 14.86
CA LEU A 337 3.86 20.29 13.74
C LEU A 337 3.15 18.93 13.92
N ILE A 338 3.90 17.88 14.21
CA ILE A 338 3.39 16.46 14.16
C ILE A 338 2.55 16.21 15.43
N THR A 339 2.99 16.75 16.57
CA THR A 339 2.34 16.40 17.86
C THR A 339 1.34 17.47 18.31
N ARG A 340 1.34 18.70 17.81
CA ARG A 340 0.36 19.73 18.32
C ARG A 340 -0.35 20.46 17.19
N ARG A 341 0.40 21.07 16.27
CA ARG A 341 -0.10 22.10 15.33
C ARG A 341 -1.06 21.51 14.29
N ASN A 342 -0.74 20.38 13.67
CA ASN A 342 -1.71 19.79 12.72
C ASN A 342 -3.04 19.49 13.44
N PHE A 343 -2.99 18.97 14.63
CA PHE A 343 -4.18 18.66 15.44
C PHE A 343 -5.00 19.94 15.59
N THR A 344 -4.38 21.07 15.96
CA THR A 344 -5.15 22.32 16.18
C THR A 344 -5.54 22.98 14.85
N ASP A 345 -4.93 22.62 13.72
CA ASP A 345 -5.45 23.07 12.41
C ASP A 345 -6.77 22.38 12.08
N LEU A 346 -6.91 21.09 12.42
CA LEU A 346 -8.12 20.31 12.09
C LEU A 346 -9.17 20.49 13.19
N PHE A 347 -8.75 20.52 14.48
CA PHE A 347 -9.66 20.38 15.65
C PHE A 347 -9.49 21.56 16.61
N THR A 348 -10.53 21.84 17.37
CA THR A 348 -10.52 22.96 18.36
C THR A 348 -10.72 22.33 19.72
N VAL A 349 -9.77 22.52 20.64
CA VAL A 349 -9.84 22.15 22.07
C VAL A 349 -9.58 23.44 22.85
N PRO A 350 -9.83 23.48 24.17
CA PRO A 350 -9.46 24.67 24.96
C PRO A 350 -7.95 24.94 24.93
N ALA A 351 -7.57 26.17 25.26
CA ALA A 351 -6.18 26.63 25.28
C ALA A 351 -5.39 25.70 26.17
N LEU A 352 -4.29 25.20 25.66
CA LEU A 352 -3.32 24.47 26.51
C LEU A 352 -2.57 25.54 27.28
N PRO A 353 -2.70 25.58 28.61
CA PRO A 353 -1.87 26.49 29.39
C PRO A 353 -0.38 26.20 29.17
N ALA A 354 0.43 27.25 29.19
CA ALA A 354 1.91 27.18 29.04
C ALA A 354 2.58 26.93 30.39
N THR A 355 3.77 26.32 30.31
CA THR A 355 4.73 26.14 31.41
C THR A 355 5.92 27.09 31.21
N VAL A 356 6.62 27.36 32.33
CA VAL A 356 7.78 28.28 32.46
C VAL A 356 7.23 29.72 32.37
N MET B 1 25.30 15.07 -23.30
CA MET B 1 23.81 15.07 -23.08
C MET B 1 23.35 13.74 -22.45
N GLU B 2 24.25 12.76 -22.26
CA GLU B 2 23.98 11.49 -21.52
C GLU B 2 25.08 11.23 -20.48
N LYS B 3 25.46 12.29 -19.77
CA LYS B 3 26.69 12.36 -18.94
C LYS B 3 26.50 11.48 -17.68
N LEU B 4 25.25 11.30 -17.20
CA LEU B 4 24.95 10.51 -15.96
C LEU B 4 24.73 9.03 -16.34
N TRP B 5 25.71 8.16 -16.09
CA TRP B 5 25.61 6.71 -16.44
C TRP B 5 24.85 5.95 -15.35
N LEU B 6 23.85 5.18 -15.79
CA LEU B 6 22.79 4.57 -14.94
C LEU B 6 22.79 3.08 -15.21
N ASN B 7 22.44 2.26 -14.25
CA ASN B 7 21.99 0.86 -14.50
C ASN B 7 20.47 0.82 -14.30
N SER B 8 19.74 0.08 -15.15
CA SER B 8 18.26 0.09 -15.11
C SER B 8 17.80 -1.25 -14.52
N ALA B 9 17.13 -1.22 -13.37
CA ALA B 9 16.69 -2.46 -12.70
C ALA B 9 15.38 -2.99 -13.31
N ASP B 10 14.80 -2.35 -14.33
CA ASP B 10 13.47 -2.72 -14.92
C ASP B 10 13.39 -2.31 -16.38
N SER B 11 13.14 -3.28 -17.24
CA SER B 11 12.72 -3.01 -18.63
C SER B 11 12.09 -4.30 -19.16
N HIS B 12 11.52 -4.20 -20.37
CA HIS B 12 10.86 -5.38 -20.98
C HIS B 12 11.34 -5.61 -22.42
N VAL B 13 11.26 -6.88 -22.84
CA VAL B 13 11.61 -7.40 -24.22
C VAL B 13 10.32 -7.93 -24.81
N LEU B 14 9.91 -7.44 -26.01
CA LEU B 14 8.78 -8.02 -26.81
C LEU B 14 9.26 -9.31 -27.51
N GLU B 15 8.47 -10.36 -27.33
CA GLU B 15 8.89 -11.70 -27.77
C GLU B 15 8.61 -11.75 -29.25
N PRO B 16 9.32 -12.57 -30.03
CA PRO B 16 8.87 -12.81 -31.41
C PRO B 16 7.42 -13.34 -31.44
N ASP B 17 6.61 -12.83 -32.37
CA ASP B 17 5.20 -13.21 -32.52
C ASP B 17 5.07 -14.72 -32.62
N ASP B 18 6.02 -15.39 -33.31
CA ASP B 18 6.03 -16.84 -33.53
C ASP B 18 6.88 -17.61 -32.50
N LEU B 19 7.28 -17.02 -31.34
CA LEU B 19 8.17 -17.70 -30.37
C LEU B 19 7.65 -19.10 -29.99
N TRP B 20 6.37 -19.21 -29.66
CA TRP B 20 5.82 -20.47 -29.11
C TRP B 20 5.31 -21.33 -30.26
N GLU B 21 4.88 -20.72 -31.35
CA GLU B 21 4.38 -21.44 -32.56
C GLU B 21 5.43 -22.47 -33.00
N ARG B 22 6.70 -22.09 -33.01
CA ARG B 22 7.79 -22.89 -33.64
C ARG B 22 8.36 -23.91 -32.66
N ALA B 23 8.35 -23.64 -31.37
CA ALA B 23 9.18 -24.39 -30.41
C ALA B 23 8.39 -25.33 -29.53
N LEU B 24 7.08 -25.15 -29.33
CA LEU B 24 6.28 -26.00 -28.43
C LEU B 24 5.97 -27.33 -29.11
N PRO B 25 5.73 -28.39 -28.29
CA PRO B 25 5.12 -29.62 -28.79
C PRO B 25 3.77 -29.28 -29.46
N ALA B 26 3.48 -29.99 -30.54
CA ALA B 26 2.28 -29.75 -31.41
C ALA B 26 1.00 -29.69 -30.57
N ALA B 27 0.86 -30.58 -29.58
CA ALA B 27 -0.32 -30.62 -28.68
C ALA B 27 -0.55 -29.29 -27.98
N LEU B 28 0.51 -28.51 -27.73
CA LEU B 28 0.42 -27.29 -26.86
C LEU B 28 0.34 -26.02 -27.71
N ARG B 29 0.75 -26.06 -28.97
CA ARG B 29 1.06 -24.84 -29.77
C ARG B 29 -0.10 -23.86 -29.76
N ASP B 30 -1.31 -24.34 -29.96
CA ASP B 30 -2.49 -23.49 -30.17
C ASP B 30 -2.89 -22.83 -28.85
N ARG B 31 -2.43 -23.35 -27.70
CA ARG B 31 -2.87 -22.83 -26.38
C ARG B 31 -1.95 -21.71 -25.88
N ALA B 32 -0.78 -21.51 -26.49
CA ALA B 32 0.20 -20.49 -26.09
C ALA B 32 -0.37 -19.12 -26.36
N PRO B 33 0.21 -18.07 -25.77
CA PRO B 33 -0.25 -16.70 -26.05
C PRO B 33 -0.18 -16.42 -27.55
N ARG B 34 -1.24 -15.83 -28.08
CA ARG B 34 -1.29 -15.46 -29.50
C ARG B 34 -2.21 -14.26 -29.67
N CYS B 35 -1.93 -13.45 -30.68
CA CYS B 35 -2.67 -12.18 -30.82
CA CYS B 35 -2.60 -12.13 -30.86
C CYS B 35 -3.31 -12.10 -32.22
N VAL B 36 -4.42 -11.39 -32.29
CA VAL B 36 -5.13 -11.09 -33.55
C VAL B 36 -5.16 -9.55 -33.62
N ARG B 37 -4.75 -9.02 -34.75
CA ARG B 37 -4.77 -7.57 -35.01
C ARG B 37 -5.82 -7.36 -36.09
N ASP B 38 -6.95 -6.77 -35.70
CA ASP B 38 -8.07 -6.55 -36.64
C ASP B 38 -9.03 -5.53 -36.03
N ASN B 39 -9.71 -4.78 -36.92
CA ASN B 39 -10.35 -3.47 -36.61
C ASN B 39 -9.30 -2.53 -36.02
N GLY B 40 -9.52 -1.98 -34.83
CA GLY B 40 -8.48 -1.07 -34.30
C GLY B 40 -7.68 -1.81 -33.30
N ARG B 41 -7.86 -3.15 -33.28
CA ARG B 41 -7.83 -3.93 -32.04
C ARG B 41 -6.79 -5.03 -32.17
N GLU B 42 -5.97 -5.10 -31.16
CA GLU B 42 -5.20 -6.32 -30.80
C GLU B 42 -5.94 -7.06 -29.69
N THR B 43 -6.27 -8.32 -29.94
CA THR B 43 -6.84 -9.25 -28.94
C THR B 43 -5.80 -10.37 -28.68
N VAL B 44 -5.47 -10.61 -27.41
CA VAL B 44 -4.49 -11.62 -26.93
C VAL B 44 -5.29 -12.77 -26.35
N TYR B 45 -4.95 -14.00 -26.77
CA TYR B 45 -5.63 -15.25 -26.38
C TYR B 45 -4.60 -16.09 -25.64
N VAL B 46 -5.02 -16.65 -24.50
CA VAL B 46 -4.16 -17.61 -23.74
C VAL B 46 -5.03 -18.81 -23.35
N ASP B 47 -4.73 -19.97 -23.93
CA ASP B 47 -5.37 -21.27 -23.59
C ASP B 47 -6.90 -21.16 -23.56
N GLY B 48 -7.51 -20.65 -24.62
CA GLY B 48 -8.96 -20.71 -24.85
C GLY B 48 -9.70 -19.59 -24.13
N GLN B 49 -8.99 -18.50 -23.82
CA GLN B 49 -9.54 -17.32 -23.11
C GLN B 49 -8.99 -16.06 -23.77
N VAL B 50 -9.85 -15.06 -24.02
CA VAL B 50 -9.41 -13.68 -24.35
C VAL B 50 -8.94 -13.06 -23.05
N VAL B 51 -7.70 -12.58 -22.98
CA VAL B 51 -7.06 -12.04 -21.76
C VAL B 51 -6.76 -10.55 -21.92
N ARG B 52 -7.01 -9.98 -23.10
CA ARG B 52 -6.55 -8.60 -23.43
C ARG B 52 -7.20 -8.14 -24.74
N ARG B 53 -7.73 -6.92 -24.72
CA ARG B 53 -8.27 -6.22 -25.90
C ARG B 53 -7.82 -4.77 -25.78
N ASP B 54 -7.10 -4.28 -26.79
CA ASP B 54 -6.61 -2.87 -26.84
C ASP B 54 -6.71 -2.35 -28.26
N PRO B 55 -6.86 -1.02 -28.43
CA PRO B 55 -6.73 -0.41 -29.74
C PRO B 55 -5.21 -0.42 -30.04
N LEU B 56 -4.88 -0.55 -31.32
CA LEU B 56 -3.48 -0.73 -31.79
C LEU B 56 -2.63 0.49 -31.44
N ASP B 57 -3.24 1.66 -31.22
CA ASP B 57 -2.52 2.93 -30.94
C ASP B 57 -1.73 2.79 -29.65
N PHE B 58 -2.39 2.42 -28.55
CA PHE B 58 -1.74 2.25 -27.23
C PHE B 58 -0.75 1.07 -27.28
N ALA B 59 -1.21 -0.07 -27.80
CA ALA B 59 -0.40 -1.30 -27.94
C ALA B 59 0.95 -0.94 -28.57
N ASP B 60 0.89 -0.27 -29.72
CA ASP B 60 2.07 0.07 -30.56
C ASP B 60 2.87 1.25 -29.96
N ALA B 61 2.32 2.05 -29.02
CA ALA B 61 3.04 3.13 -28.31
C ALA B 61 4.15 2.54 -27.42
N MET B 62 3.94 1.34 -26.90
CA MET B 62 4.98 0.67 -26.08
C MET B 62 5.85 -0.17 -26.99
N ARG B 63 5.81 0.07 -28.30
CA ARG B 63 6.61 -0.79 -29.19
C ARG B 63 7.48 0.09 -30.09
N PRO B 64 8.40 0.91 -29.52
CA PRO B 64 9.42 1.57 -30.34
C PRO B 64 10.37 0.52 -30.91
N PRO B 65 11.17 0.85 -31.93
CA PRO B 65 11.97 -0.15 -32.65
C PRO B 65 12.94 -0.94 -31.74
N GLY B 66 13.53 -0.28 -30.73
CA GLY B 66 14.37 -1.00 -29.75
C GLY B 66 13.60 -2.03 -28.94
N ALA B 67 12.27 -1.99 -28.87
CA ALA B 67 11.44 -2.86 -27.98
C ALA B 67 11.40 -4.26 -28.56
N LEU B 68 11.66 -4.30 -29.87
CA LEU B 68 11.73 -5.44 -30.80
C LEU B 68 13.18 -5.78 -31.23
N ASP B 69 13.88 -4.93 -32.05
CA ASP B 69 15.28 -5.09 -32.61
C ASP B 69 16.30 -4.89 -31.47
N HIS B 70 16.99 -5.97 -31.01
CA HIS B 70 17.94 -5.92 -29.87
CA HIS B 70 17.95 -5.89 -29.87
C HIS B 70 19.17 -5.07 -30.25
N HIS B 71 19.51 -4.96 -31.54
CA HIS B 71 20.61 -4.08 -31.99
C HIS B 71 20.22 -2.62 -31.72
N ILE B 72 19.01 -2.23 -32.05
CA ILE B 72 18.54 -0.83 -31.80
C ILE B 72 18.42 -0.66 -30.27
N ARG B 73 17.92 -1.66 -29.54
CA ARG B 73 17.84 -1.55 -28.04
C ARG B 73 19.19 -1.08 -27.47
N LEU B 74 20.27 -1.78 -27.80
CA LEU B 74 21.62 -1.44 -27.27
C LEU B 74 21.97 0.00 -27.64
N LYS B 75 21.58 0.48 -28.81
CA LYS B 75 21.92 1.87 -29.21
C LYS B 75 21.09 2.84 -28.37
N ASP B 76 19.84 2.46 -28.05
CA ASP B 76 18.94 3.29 -27.21
C ASP B 76 19.50 3.36 -25.78
N LEU B 77 20.03 2.27 -25.26
CA LEU B 77 20.72 2.23 -23.94
C LEU B 77 21.87 3.25 -23.97
N ASP B 78 22.75 3.18 -24.97
CA ASP B 78 23.81 4.22 -25.10
C ASP B 78 23.17 5.60 -25.11
N ASP B 79 22.16 5.82 -25.93
CA ASP B 79 21.58 7.15 -26.14
C ASP B 79 21.03 7.66 -24.79
N GLN B 80 20.49 6.77 -23.98
CA GLN B 80 19.78 7.20 -22.74
C GLN B 80 20.75 7.26 -21.58
N GLY B 81 22.00 6.82 -21.74
CA GLY B 81 23.01 6.81 -20.67
C GLY B 81 22.79 5.68 -19.71
N ILE B 82 22.24 4.55 -20.19
CA ILE B 82 22.05 3.32 -19.38
C ILE B 82 23.11 2.30 -19.77
N TRP B 83 23.82 1.79 -18.79
CA TRP B 83 24.86 0.79 -18.98
C TRP B 83 24.23 -0.61 -18.91
N GLY B 84 24.03 -1.15 -17.70
CA GLY B 84 23.42 -2.46 -17.38
C GLY B 84 21.89 -2.34 -17.37
N GLU B 85 21.19 -3.42 -17.72
CA GLU B 85 19.69 -3.35 -17.78
C GLU B 85 19.15 -4.76 -17.52
N VAL B 86 18.24 -4.87 -16.54
CA VAL B 86 17.45 -6.11 -16.33
C VAL B 86 16.26 -6.06 -17.28
N VAL B 87 15.95 -7.23 -17.90
CA VAL B 87 14.94 -7.38 -18.95
C VAL B 87 13.93 -8.45 -18.49
N PHE B 88 12.70 -8.00 -18.36
CA PHE B 88 11.51 -8.80 -17.98
C PHE B 88 10.72 -9.13 -19.25
N PRO B 89 9.80 -10.11 -19.17
CA PRO B 89 8.95 -10.43 -20.30
C PRO B 89 7.85 -9.43 -20.61
N SER B 90 7.21 -9.70 -21.72
CA SER B 90 5.98 -9.02 -22.13
C SER B 90 4.90 -10.10 -22.26
N ARG B 91 4.79 -10.74 -23.42
CA ARG B 91 3.79 -11.83 -23.58
C ARG B 91 4.06 -12.97 -22.61
N GLY B 92 5.30 -13.24 -22.25
CA GLY B 92 5.69 -14.32 -21.35
C GLY B 92 4.98 -14.17 -20.00
N LEU B 93 4.61 -12.95 -19.65
CA LEU B 93 3.98 -12.69 -18.31
C LEU B 93 2.66 -13.45 -18.21
N TRP B 94 1.98 -13.71 -19.33
CA TRP B 94 0.69 -14.46 -19.34
C TRP B 94 0.89 -15.90 -18.84
N THR B 95 2.10 -16.44 -18.78
CA THR B 95 2.32 -17.76 -18.13
C THR B 95 1.84 -17.72 -16.68
N ALA B 96 1.84 -16.52 -16.08
CA ALA B 96 1.45 -16.38 -14.66
C ALA B 96 -0.06 -16.52 -14.46
N VAL B 97 -0.88 -16.40 -15.48
CA VAL B 97 -2.36 -16.53 -15.32
C VAL B 97 -2.83 -17.88 -15.90
N MET B 98 -1.92 -18.73 -16.39
CA MET B 98 -2.32 -20.04 -16.91
C MET B 98 -2.78 -20.93 -15.75
N THR B 99 -3.64 -21.91 -16.04
CA THR B 99 -4.17 -22.81 -14.99
C THR B 99 -3.58 -24.21 -15.18
N ASP B 100 -3.03 -24.49 -16.35
CA ASP B 100 -2.41 -25.80 -16.66
C ASP B 100 -0.92 -25.77 -16.36
N PRO B 101 -0.43 -26.56 -15.37
CA PRO B 101 0.97 -26.54 -15.02
C PRO B 101 1.85 -26.96 -16.20
N VAL B 102 1.37 -27.88 -17.06
CA VAL B 102 2.21 -28.38 -18.20
C VAL B 102 2.36 -27.27 -19.25
N LEU B 103 1.27 -26.63 -19.64
CA LEU B 103 1.38 -25.50 -20.61
C LEU B 103 2.30 -24.43 -20.03
N ALA B 104 2.11 -24.02 -18.78
CA ALA B 104 3.01 -23.03 -18.17
C ALA B 104 4.48 -23.47 -18.19
N ARG B 105 4.81 -24.68 -17.70
CA ARG B 105 6.21 -25.17 -17.66
C ARG B 105 6.81 -25.12 -19.09
N GLU B 106 6.09 -25.60 -20.10
CA GLU B 106 6.68 -25.73 -21.47
C GLU B 106 6.86 -24.35 -22.10
N CYS B 107 5.89 -23.45 -21.92
CA CYS B 107 5.96 -22.06 -22.46
C CYS B 107 7.11 -21.32 -21.76
N ILE B 108 7.36 -21.60 -20.47
CA ILE B 108 8.46 -20.96 -19.71
C ILE B 108 9.81 -21.47 -20.24
N LYS B 109 9.98 -22.78 -20.43
CA LYS B 109 11.23 -23.33 -21.02
C LYS B 109 11.51 -22.62 -22.34
N VAL B 110 10.52 -22.50 -23.24
CA VAL B 110 10.71 -21.89 -24.59
C VAL B 110 11.21 -20.47 -24.41
N TYR B 111 10.50 -19.72 -23.56
CA TYR B 111 10.82 -18.29 -23.34
C TYR B 111 12.25 -18.18 -22.87
N ASN B 112 12.63 -18.96 -21.87
CA ASN B 112 13.93 -18.85 -21.15
C ASN B 112 15.07 -19.24 -22.10
N ASP B 113 14.82 -20.23 -22.96
CA ASP B 113 15.83 -20.70 -23.95
C ASP B 113 15.99 -19.62 -25.03
N TRP B 114 14.93 -18.96 -25.49
CA TRP B 114 15.02 -17.89 -26.51
C TRP B 114 15.74 -16.67 -25.94
N LEU B 115 15.37 -16.31 -24.71
CA LEU B 115 15.93 -15.06 -24.15
C LEU B 115 17.44 -15.20 -24.02
N LYS B 116 17.95 -16.32 -23.54
CA LYS B 116 19.41 -16.55 -23.33
C LYS B 116 20.09 -16.67 -24.70
N SER B 117 19.61 -17.53 -25.60
CA SER B 117 20.34 -17.83 -26.85
C SER B 117 20.27 -16.65 -27.82
N ASP B 118 19.17 -15.93 -27.88
CA ASP B 118 18.89 -14.98 -28.98
C ASP B 118 18.94 -13.52 -28.51
N PHE B 119 18.91 -13.25 -27.20
CA PHE B 119 18.88 -11.87 -26.67
C PHE B 119 20.06 -11.67 -25.68
N LEU B 120 20.14 -12.40 -24.58
CA LEU B 120 21.24 -12.16 -23.59
C LEU B 120 22.62 -12.36 -24.23
N SER B 121 22.71 -13.16 -25.31
CA SER B 121 23.94 -13.34 -26.11
C SER B 121 24.44 -12.04 -26.76
N LEU B 122 23.65 -10.99 -27.02
CA LEU B 122 24.16 -9.81 -27.79
C LEU B 122 25.13 -8.94 -26.96
N SER B 123 24.96 -8.90 -25.64
CA SER B 123 25.78 -7.96 -24.80
C SER B 123 25.71 -8.36 -23.35
N PRO B 124 26.83 -8.32 -22.63
CA PRO B 124 26.82 -8.60 -21.19
C PRO B 124 26.15 -7.48 -20.39
N ARG B 125 25.76 -6.39 -21.01
CA ARG B 125 24.98 -5.28 -20.37
C ARG B 125 23.55 -5.74 -20.09
N LEU B 126 23.12 -6.86 -20.70
CA LEU B 126 21.75 -7.43 -20.54
C LEU B 126 21.73 -8.53 -19.48
N VAL B 127 20.82 -8.39 -18.52
CA VAL B 127 20.65 -9.33 -17.40
C VAL B 127 19.20 -9.80 -17.55
N GLY B 128 18.94 -11.03 -17.98
CA GLY B 128 17.53 -11.40 -18.16
C GLY B 128 16.95 -12.00 -16.89
N ALA B 129 15.64 -11.93 -16.73
CA ALA B 129 14.90 -12.66 -15.68
C ALA B 129 14.33 -13.94 -16.32
N ALA B 130 14.74 -15.08 -15.81
CA ALA B 130 14.19 -16.41 -16.19
C ALA B 130 12.82 -16.52 -15.55
N MET B 131 11.83 -16.99 -16.28
CA MET B 131 10.53 -17.34 -15.62
C MET B 131 10.63 -18.73 -14.98
N VAL B 132 9.79 -18.95 -13.98
CA VAL B 132 9.63 -20.23 -13.26
C VAL B 132 8.14 -20.40 -12.96
N SER B 133 7.69 -21.64 -13.02
CA SER B 133 6.28 -21.99 -12.78
C SER B 133 5.77 -21.30 -11.51
N MET B 134 4.63 -20.61 -11.63
CA MET B 134 3.88 -20.06 -10.48
C MET B 134 2.95 -21.15 -9.93
N LEU B 135 2.83 -22.28 -10.64
CA LEU B 135 1.76 -23.29 -10.36
C LEU B 135 2.30 -24.51 -9.63
N ASP B 136 3.56 -24.87 -9.78
CA ASP B 136 4.14 -26.12 -9.28
C ASP B 136 5.57 -25.89 -8.79
N THR B 137 5.83 -26.18 -7.53
CA THR B 137 7.14 -25.89 -6.90
C THR B 137 8.23 -26.76 -7.54
N ASP B 138 8.00 -28.05 -7.76
CA ASP B 138 9.02 -28.91 -8.41
C ASP B 138 9.36 -28.37 -9.81
N ASP B 139 8.36 -27.99 -10.61
CA ASP B 139 8.58 -27.34 -11.95
C ASP B 139 9.41 -26.06 -11.76
N ALA B 140 9.12 -25.25 -10.74
CA ALA B 140 9.81 -23.95 -10.55
C ALA B 140 11.25 -24.20 -10.10
N VAL B 141 11.47 -25.12 -9.16
CA VAL B 141 12.86 -25.46 -8.71
C VAL B 141 13.69 -25.99 -9.89
N ALA B 142 13.18 -26.98 -10.62
CA ALA B 142 13.90 -27.57 -11.79
C ALA B 142 14.30 -26.47 -12.79
N GLU B 143 13.39 -25.57 -13.14
CA GLU B 143 13.70 -24.49 -14.11
C GLU B 143 14.64 -23.47 -13.48
N LEU B 144 14.49 -23.11 -12.20
CA LEU B 144 15.47 -22.18 -11.59
C LEU B 144 16.88 -22.76 -11.76
N ARG B 145 17.02 -24.05 -11.46
CA ARG B 145 18.31 -24.79 -11.44
C ARG B 145 18.87 -24.86 -12.86
N ARG B 146 18.02 -25.14 -13.84
CA ARG B 146 18.42 -25.16 -15.27
C ARG B 146 18.81 -23.74 -15.69
N ALA B 147 18.12 -22.71 -15.21
CA ALA B 147 18.30 -21.33 -15.69
C ALA B 147 19.63 -20.80 -15.15
N ALA B 148 19.99 -21.22 -13.94
CA ALA B 148 21.20 -20.86 -13.18
C ALA B 148 22.41 -21.53 -13.85
N ASP B 149 22.32 -22.84 -14.13
CA ASP B 149 23.38 -23.59 -14.88
C ASP B 149 23.66 -22.87 -16.20
N LEU B 150 22.66 -22.21 -16.78
CA LEU B 150 22.75 -21.43 -18.05
C LEU B 150 23.28 -20.02 -17.80
N GLY B 151 23.54 -19.63 -16.54
CA GLY B 151 24.08 -18.30 -16.15
C GLY B 151 23.00 -17.24 -15.89
N TYR B 152 21.73 -17.61 -15.72
CA TYR B 152 20.73 -16.61 -15.27
C TYR B 152 21.08 -16.23 -13.84
N GLN B 153 20.83 -14.97 -13.50
CA GLN B 153 21.16 -14.33 -12.21
C GLN B 153 19.89 -14.01 -11.40
N THR B 154 18.71 -14.02 -12.02
CA THR B 154 17.44 -13.67 -11.32
C THR B 154 16.29 -14.48 -11.92
N VAL B 155 15.26 -14.75 -11.15
CA VAL B 155 14.00 -15.39 -11.65
C VAL B 155 12.88 -14.39 -11.47
N PHE B 156 11.92 -14.40 -12.39
CA PHE B 156 10.70 -13.57 -12.33
C PHE B 156 9.61 -14.38 -11.63
N LEU B 157 8.96 -13.79 -10.62
CA LEU B 157 7.68 -14.32 -10.06
C LEU B 157 6.62 -13.25 -10.21
N ALA B 158 5.38 -13.64 -10.50
CA ALA B 158 4.24 -12.71 -10.61
C ALA B 158 3.90 -12.24 -9.19
N ALA B 159 3.46 -11.00 -9.11
CA ALA B 159 3.12 -10.36 -7.82
C ALA B 159 1.88 -11.04 -7.24
N THR B 160 0.93 -11.49 -8.06
CA THR B 160 -0.28 -12.21 -7.57
C THR B 160 -0.17 -13.67 -7.95
N PRO B 161 0.19 -14.55 -6.99
CA PRO B 161 0.34 -15.98 -7.28
C PRO B 161 -1.03 -16.59 -7.36
N PRO B 162 -1.12 -17.83 -7.89
CA PRO B 162 -2.40 -18.53 -7.97
C PRO B 162 -3.00 -18.76 -6.58
N PRO B 163 -4.34 -18.84 -6.48
CA PRO B 163 -5.00 -19.07 -5.19
C PRO B 163 -4.47 -20.30 -4.47
N GLY B 164 -4.21 -20.15 -3.16
CA GLY B 164 -3.61 -21.19 -2.32
C GLY B 164 -2.13 -21.26 -2.46
N ARG B 165 -1.53 -20.41 -3.31
CA ARG B 165 -0.06 -20.37 -3.48
C ARG B 165 0.43 -18.97 -3.11
N GLU B 166 -0.20 -18.37 -2.11
CA GLU B 166 0.37 -17.13 -1.51
C GLU B 166 1.81 -17.37 -1.03
N PHE B 167 2.60 -16.30 -0.92
CA PHE B 167 4.07 -16.36 -0.71
C PHE B 167 4.43 -16.69 0.73
N ASN B 168 3.46 -16.69 1.65
CA ASN B 168 3.69 -17.13 3.06
C ASN B 168 3.48 -18.65 3.21
N MET B 169 3.06 -19.36 2.15
CA MET B 169 2.78 -20.82 2.25
C MET B 169 4.06 -21.69 2.16
N ASP B 170 4.02 -22.84 2.84
CA ASP B 170 5.11 -23.84 2.90
C ASP B 170 5.50 -24.27 1.48
N VAL B 171 4.55 -24.24 0.56
CA VAL B 171 4.75 -24.75 -0.82
C VAL B 171 5.94 -24.05 -1.50
N TRP B 172 6.29 -22.82 -1.10
CA TRP B 172 7.41 -22.08 -1.76
C TRP B 172 8.80 -22.42 -1.17
N GLU B 173 8.90 -23.06 0.00
CA GLU B 173 10.17 -23.23 0.76
C GLU B 173 11.27 -23.85 -0.11
N PRO B 174 11.00 -24.92 -0.90
CA PRO B 174 12.02 -25.49 -1.77
C PRO B 174 12.54 -24.45 -2.79
N LEU B 175 11.71 -23.51 -3.20
CA LEU B 175 12.17 -22.51 -4.18
C LEU B 175 13.06 -21.49 -3.49
N TRP B 176 12.67 -20.99 -2.34
CA TRP B 176 13.56 -20.08 -1.59
C TRP B 176 14.93 -20.74 -1.36
N ALA B 177 14.92 -22.01 -0.99
CA ALA B 177 16.15 -22.79 -0.71
C ALA B 177 17.01 -22.86 -1.97
N ALA B 178 16.42 -23.21 -3.11
CA ALA B 178 17.17 -23.31 -4.37
C ALA B 178 17.69 -21.93 -4.82
N ALA B 179 16.89 -20.86 -4.71
CA ALA B 179 17.29 -19.50 -5.12
C ALA B 179 18.49 -19.08 -4.25
N GLU B 180 18.42 -19.38 -2.96
CA GLU B 180 19.48 -18.95 -2.00
C GLU B 180 20.77 -19.71 -2.34
N GLU B 181 20.66 -21.02 -2.50
CA GLU B 181 21.79 -21.89 -2.95
C GLU B 181 22.39 -21.33 -4.25
N ALA B 182 21.57 -20.98 -5.26
CA ALA B 182 22.06 -20.52 -6.58
C ALA B 182 22.58 -19.07 -6.57
N GLY B 183 22.33 -18.26 -5.52
CA GLY B 183 22.63 -16.81 -5.57
C GLY B 183 21.73 -16.06 -6.51
N MET B 184 20.54 -16.60 -6.74
CA MET B 184 19.53 -16.05 -7.66
C MET B 184 18.73 -14.99 -6.91
N THR B 185 18.71 -13.77 -7.41
CA THR B 185 17.75 -12.74 -6.95
C THR B 185 16.36 -13.17 -7.37
N VAL B 186 15.39 -13.09 -6.48
CA VAL B 186 13.97 -13.28 -6.83
C VAL B 186 13.39 -11.92 -7.22
N SER B 187 12.96 -11.76 -8.47
CA SER B 187 12.39 -10.49 -8.98
C SER B 187 10.88 -10.63 -9.11
N ILE B 188 10.14 -9.88 -8.29
CA ILE B 188 8.66 -9.86 -8.31
C ILE B 188 8.21 -8.59 -9.01
N HIS B 189 7.57 -8.74 -10.14
CA HIS B 189 7.19 -7.59 -10.95
C HIS B 189 5.71 -7.35 -10.79
N ILE B 190 5.33 -6.11 -10.55
CA ILE B 190 3.89 -5.85 -10.27
C ILE B 190 3.06 -5.94 -11.54
N GLY B 191 1.74 -5.99 -11.37
CA GLY B 191 0.79 -5.95 -12.50
C GLY B 191 0.76 -7.29 -13.20
N THR B 192 1.26 -8.33 -12.55
CA THR B 192 1.33 -9.72 -13.08
C THR B 192 0.55 -10.69 -12.18
N GLY B 193 0.02 -11.76 -12.77
CA GLY B 193 -0.68 -12.85 -12.06
C GLY B 193 -2.19 -12.71 -12.00
N ALA B 194 -2.82 -11.62 -12.42
CA ALA B 194 -4.27 -11.49 -12.05
C ALA B 194 -5.05 -10.70 -13.09
N ASP B 195 -5.88 -9.76 -12.63
CA ASP B 195 -6.36 -8.59 -13.42
C ASP B 195 -6.34 -7.35 -12.51
N THR B 196 -5.94 -6.20 -13.08
CA THR B 196 -5.74 -4.91 -12.37
C THR B 196 -6.69 -3.84 -12.94
N VAL B 197 -7.69 -4.26 -13.75
CA VAL B 197 -8.74 -3.41 -14.40
C VAL B 197 -9.98 -3.37 -13.49
N VAL B 198 -9.76 -3.38 -12.16
CA VAL B 198 -10.80 -3.62 -11.13
C VAL B 198 -11.66 -2.35 -11.02
N ALA B 199 -11.07 -1.15 -11.05
CA ALA B 199 -11.78 0.15 -10.96
C ALA B 199 -12.36 0.53 -12.33
N ARG B 200 -13.63 0.94 -12.40
CA ARG B 200 -14.34 1.30 -13.66
C ARG B 200 -14.99 2.69 -13.63
N GLY B 201 -15.02 3.38 -12.48
CA GLY B 201 -15.69 4.69 -12.29
C GLY B 201 -14.73 5.88 -12.50
N PRO B 202 -15.16 7.12 -12.16
CA PRO B 202 -14.31 8.29 -12.27
C PRO B 202 -12.94 8.02 -11.63
N GLY B 203 -11.88 8.45 -12.31
CA GLY B 203 -10.49 8.29 -11.86
C GLY B 203 -9.91 6.90 -12.06
N GLY B 204 -10.52 6.04 -12.90
CA GLY B 204 -10.10 4.64 -13.09
C GLY B 204 -8.62 4.47 -13.40
N ALA B 205 -8.07 5.25 -14.32
CA ALA B 205 -6.66 5.15 -14.78
C ALA B 205 -5.75 5.29 -13.55
N VAL B 206 -6.04 6.26 -12.71
CA VAL B 206 -5.15 6.57 -11.56
C VAL B 206 -5.41 5.53 -10.45
N ILE B 207 -6.68 5.19 -10.21
CA ILE B 207 -7.08 4.18 -9.19
C ILE B 207 -6.46 2.85 -9.56
N ASN B 208 -6.52 2.42 -10.83
CA ASN B 208 -5.99 1.11 -11.23
C ASN B 208 -4.49 1.07 -11.09
N TYR B 209 -3.82 2.18 -11.32
CA TYR B 209 -2.35 2.26 -11.23
C TYR B 209 -1.94 2.07 -9.77
N VAL B 210 -2.79 2.53 -8.85
CA VAL B 210 -2.58 2.30 -7.39
C VAL B 210 -2.92 0.88 -6.98
N GLU B 211 -4.00 0.28 -7.48
CA GLU B 211 -4.43 -1.10 -7.11
C GLU B 211 -3.27 -2.08 -7.33
N THR B 212 -2.44 -1.85 -8.36
CA THR B 212 -1.37 -2.83 -8.70
C THR B 212 -0.30 -2.78 -7.61
N LEU B 213 -0.25 -1.73 -6.80
CA LEU B 213 0.66 -1.73 -5.62
C LEU B 213 0.27 -2.85 -4.66
N PHE B 214 -1.03 -3.13 -4.45
CA PHE B 214 -1.44 -3.95 -3.28
C PHE B 214 -0.79 -5.34 -3.33
N PRO B 215 -0.81 -6.07 -4.45
CA PRO B 215 -0.12 -7.33 -4.46
C PRO B 215 1.36 -7.25 -4.11
N ALA B 216 2.05 -6.16 -4.49
CA ALA B 216 3.49 -5.94 -4.16
C ALA B 216 3.66 -5.87 -2.64
N GLN B 217 2.88 -5.01 -1.98
CA GLN B 217 2.96 -4.85 -0.52
C GLN B 217 2.62 -6.15 0.20
N ARG B 218 1.57 -6.82 -0.23
CA ARG B 218 1.15 -8.13 0.32
C ARG B 218 2.30 -9.13 0.20
N ALA B 219 2.96 -9.19 -0.96
CA ALA B 219 4.08 -10.12 -1.20
C ALA B 219 5.21 -9.86 -0.20
N VAL B 220 5.54 -8.62 0.02
CA VAL B 220 6.61 -8.24 0.96
C VAL B 220 6.14 -8.73 2.34
N ALA B 221 4.89 -8.44 2.72
CA ALA B 221 4.39 -8.77 4.08
C ALA B 221 4.42 -10.28 4.27
N GLN B 222 4.07 -11.04 3.21
CA GLN B 222 4.07 -12.52 3.31
C GLN B 222 5.48 -13.07 3.44
N LEU B 223 6.43 -12.58 2.65
CA LEU B 223 7.83 -13.05 2.66
C LEU B 223 8.48 -12.74 4.01
N VAL B 224 8.17 -11.57 4.58
CA VAL B 224 8.76 -11.13 5.87
C VAL B 224 8.08 -11.87 7.03
N ALA B 225 6.75 -11.83 7.11
CA ALA B 225 5.98 -12.42 8.23
C ALA B 225 6.11 -13.96 8.29
N SER B 226 6.28 -14.64 7.14
CA SER B 226 6.31 -16.11 7.10
C SER B 226 7.65 -16.63 7.58
N GLY B 227 8.68 -15.80 7.66
CA GLY B 227 10.04 -16.28 7.98
C GLY B 227 10.83 -16.71 6.74
N ALA B 228 10.26 -16.61 5.53
CA ALA B 228 10.95 -16.98 4.27
C ALA B 228 12.30 -16.28 4.20
N LEU B 229 12.33 -14.95 4.27
CA LEU B 229 13.60 -14.18 4.27
C LEU B 229 14.45 -14.51 5.50
N ASP B 230 13.85 -14.66 6.67
CA ASP B 230 14.58 -14.94 7.95
C ASP B 230 15.37 -16.25 7.81
N ARG B 231 14.71 -17.28 7.29
CA ARG B 231 15.29 -18.63 7.11
C ARG B 231 16.32 -18.65 5.97
N HIS B 232 16.35 -17.65 5.08
CA HIS B 232 17.23 -17.60 3.89
C HIS B 232 17.95 -16.26 3.83
N PRO B 233 18.94 -16.04 4.73
CA PRO B 233 19.63 -14.76 4.84
C PRO B 233 20.32 -14.35 3.53
N GLY B 234 20.67 -15.31 2.68
CA GLY B 234 21.29 -15.05 1.36
C GLY B 234 20.27 -14.73 0.29
N LEU B 235 18.97 -14.87 0.57
CA LEU B 235 17.90 -14.64 -0.41
C LEU B 235 17.60 -13.15 -0.51
N ARG B 236 17.77 -12.56 -1.67
CA ARG B 236 17.39 -11.16 -1.93
C ARG B 236 16.21 -11.13 -2.86
N VAL B 237 15.32 -10.16 -2.62
CA VAL B 237 14.09 -10.01 -3.40
C VAL B 237 14.09 -8.59 -3.93
N LEU B 238 13.84 -8.46 -5.22
CA LEU B 238 13.57 -7.20 -5.88
C LEU B 238 12.09 -7.06 -6.24
N ILE B 239 11.45 -5.99 -5.76
CA ILE B 239 10.08 -5.61 -6.13
C ILE B 239 10.19 -4.62 -7.26
N ALA B 240 9.85 -5.05 -8.46
CA ALA B 240 10.08 -4.20 -9.65
C ALA B 240 8.84 -3.40 -9.98
N GLU B 241 9.00 -2.11 -10.20
CA GLU B 241 8.01 -1.20 -10.80
C GLU B 241 6.84 -0.92 -9.85
N ALA B 242 7.12 -0.92 -8.53
CA ALA B 242 6.09 -0.55 -7.50
C ALA B 242 6.47 0.73 -6.78
N GLY B 243 7.53 1.42 -7.20
CA GLY B 243 8.11 2.51 -6.41
C GLY B 243 8.69 2.01 -5.10
N CYS B 244 9.10 2.93 -4.22
CA CYS B 244 10.06 2.66 -3.12
C CYS B 244 9.58 3.08 -1.72
N ALA B 245 8.95 4.22 -1.60
CA ALA B 245 8.80 4.90 -0.28
C ALA B 245 7.78 4.14 0.58
N TRP B 246 6.91 3.29 -0.01
CA TRP B 246 5.98 2.47 0.80
C TRP B 246 6.74 1.36 1.52
N VAL B 247 7.95 1.01 1.10
CA VAL B 247 8.67 -0.15 1.66
C VAL B 247 9.09 0.16 3.10
N PRO B 248 9.73 1.30 3.45
CA PRO B 248 9.97 1.59 4.87
C PRO B 248 8.68 1.84 5.66
N ALA B 249 7.64 2.40 5.06
CA ALA B 249 6.34 2.55 5.72
C ALA B 249 5.84 1.17 6.15
N LEU B 250 5.95 0.18 5.26
CA LEU B 250 5.54 -1.20 5.54
C LEU B 250 6.42 -1.84 6.60
N ALA B 251 7.73 -1.57 6.59
CA ALA B 251 8.70 -2.03 7.61
C ALA B 251 8.17 -1.57 8.98
N ASP B 252 7.76 -0.31 9.07
CA ASP B 252 7.22 0.26 10.34
C ASP B 252 5.88 -0.39 10.70
N ARG B 253 5.00 -0.63 9.74
CA ARG B 253 3.68 -1.24 9.97
C ARG B 253 3.92 -2.65 10.54
N MET B 254 4.76 -3.44 9.88
CA MET B 254 5.03 -4.79 10.39
C MET B 254 5.68 -4.78 11.77
N ASP B 255 6.61 -3.88 12.03
CA ASP B 255 7.30 -3.78 13.36
C ASP B 255 6.24 -3.55 14.43
N GLU B 256 5.28 -2.70 14.14
CA GLU B 256 4.25 -2.33 15.14
C GLU B 256 3.41 -3.56 15.43
N ALA B 257 2.92 -4.29 14.42
CA ALA B 257 2.23 -5.56 14.67
C ALA B 257 3.14 -6.54 15.43
N TYR B 258 4.39 -6.71 15.02
CA TYR B 258 5.32 -7.72 15.65
C TYR B 258 5.44 -7.41 17.17
N ARG B 259 5.61 -6.15 17.52
CA ARG B 259 5.92 -5.68 18.91
C ARG B 259 4.64 -5.58 19.73
N GLN B 260 3.57 -5.00 19.21
CA GLN B 260 2.33 -4.73 20.00
C GLN B 260 1.37 -5.91 19.93
N HIS B 261 1.45 -6.79 18.91
CA HIS B 261 0.54 -7.94 18.76
C HIS B 261 1.31 -9.26 18.90
N GLY B 262 2.49 -9.22 19.54
CA GLY B 262 3.42 -10.37 19.64
C GLY B 262 2.72 -11.63 20.12
N MET B 263 1.77 -11.52 21.04
CA MET B 263 1.08 -12.70 21.61
C MET B 263 0.28 -13.43 20.51
N PHE B 264 0.02 -12.83 19.33
CA PHE B 264 -0.70 -13.49 18.21
C PHE B 264 0.25 -13.81 17.04
N VAL B 265 1.54 -13.56 17.21
CA VAL B 265 2.52 -13.63 16.07
C VAL B 265 3.14 -15.04 16.01
N ARG B 266 3.00 -15.68 14.86
CA ARG B 266 3.69 -16.96 14.54
C ARG B 266 3.95 -16.99 13.04
N PRO B 267 5.16 -17.35 12.60
CA PRO B 267 6.24 -17.75 13.49
C PRO B 267 6.91 -16.54 14.14
N LYS B 268 7.74 -16.77 15.16
CA LYS B 268 8.67 -15.71 15.62
C LYS B 268 9.76 -15.57 14.56
N LEU B 269 10.36 -14.39 14.52
CA LEU B 269 11.47 -14.03 13.62
C LEU B 269 12.71 -13.80 14.45
N SER B 270 13.87 -14.06 13.87
CA SER B 270 15.19 -13.91 14.54
C SER B 270 15.54 -12.43 14.62
N MET B 271 14.94 -11.58 13.77
CA MET B 271 15.14 -10.12 13.82
C MET B 271 13.82 -9.46 13.48
N LEU B 272 13.68 -8.15 13.62
CA LEU B 272 12.35 -7.54 13.43
C LEU B 272 12.06 -7.50 11.93
N PRO B 273 10.78 -7.48 11.56
CA PRO B 273 10.39 -7.27 10.16
C PRO B 273 11.17 -6.18 9.42
N GLY B 274 11.31 -5.00 10.00
CA GLY B 274 12.02 -3.89 9.41
C GLY B 274 13.49 -4.22 9.14
N GLU B 275 14.12 -5.01 9.99
CA GLU B 275 15.54 -5.41 9.82
C GLU B 275 15.59 -6.37 8.62
N LEU B 276 14.62 -7.24 8.48
CA LEU B 276 14.59 -8.16 7.28
C LEU B 276 14.38 -7.34 6.01
N VAL B 277 13.44 -6.42 5.99
CA VAL B 277 13.20 -5.53 4.83
C VAL B 277 14.49 -4.82 4.48
N ARG B 278 15.16 -4.20 5.48
CA ARG B 278 16.35 -3.37 5.17
C ARG B 278 17.52 -4.24 4.70
N ARG B 279 17.54 -5.51 5.07
CA ARG B 279 18.62 -6.45 4.69
C ARG B 279 18.37 -6.98 3.27
N GLN B 280 17.14 -7.29 2.91
CA GLN B 280 16.92 -8.28 1.79
C GLN B 280 15.89 -7.83 0.75
N VAL B 281 15.10 -6.79 1.01
CA VAL B 281 14.02 -6.34 0.11
C VAL B 281 14.46 -5.06 -0.60
N TYR B 282 14.58 -5.15 -1.93
CA TYR B 282 14.94 -4.05 -2.85
C TYR B 282 13.72 -3.66 -3.65
N ALA B 283 13.66 -2.45 -4.14
CA ALA B 283 12.50 -1.92 -4.85
C ALA B 283 12.96 -0.95 -5.92
N SER B 284 12.34 -0.98 -7.10
CA SER B 284 12.72 -0.09 -8.21
C SER B 284 11.67 0.99 -8.42
N PHE B 285 12.03 2.10 -9.04
CA PHE B 285 11.18 3.23 -9.42
C PHE B 285 11.77 3.87 -10.68
N GLN B 286 10.95 4.63 -11.38
CA GLN B 286 11.34 5.41 -12.60
C GLN B 286 11.40 6.92 -12.32
N HIS B 287 10.38 7.52 -11.68
CA HIS B 287 10.23 9.00 -11.60
C HIS B 287 10.14 9.50 -10.14
N ASP B 288 9.81 8.64 -9.20
CA ASP B 288 9.43 9.01 -7.80
C ASP B 288 10.53 9.79 -7.04
N GLU B 289 10.32 11.07 -6.83
CA GLU B 289 11.20 11.89 -5.94
C GLU B 289 11.28 11.24 -4.56
N THR B 290 10.18 10.68 -4.05
CA THR B 290 10.20 10.07 -2.71
C THR B 290 11.22 8.95 -2.59
N ALA B 291 11.74 8.36 -3.68
CA ALA B 291 12.70 7.26 -3.52
C ALA B 291 13.97 7.76 -2.85
N ILE B 292 14.36 9.01 -3.09
CA ILE B 292 15.58 9.63 -2.54
C ILE B 292 15.36 9.86 -1.04
N GLY B 293 14.19 10.36 -0.66
CA GLY B 293 13.84 10.54 0.77
C GLY B 293 13.84 9.22 1.53
N ALA B 294 13.38 8.10 0.95
CA ALA B 294 13.48 6.77 1.54
C ALA B 294 14.91 6.43 1.98
N VAL B 295 15.89 6.69 1.12
CA VAL B 295 17.32 6.43 1.44
C VAL B 295 17.80 7.44 2.52
N THR B 296 17.53 8.72 2.34
CA THR B 296 18.21 9.78 3.14
C THR B 296 17.56 9.92 4.52
N ALA B 297 16.27 9.67 4.64
CA ALA B 297 15.54 9.97 5.91
C ALA B 297 14.96 8.71 6.56
N MET B 298 14.77 7.58 5.82
CA MET B 298 14.12 6.37 6.38
C MET B 298 15.08 5.19 6.43
N ASN B 299 16.37 5.42 6.18
CA ASN B 299 17.39 4.37 6.35
C ASN B 299 16.97 3.15 5.48
N TYR B 300 16.37 3.42 4.34
CA TYR B 300 16.03 2.34 3.39
C TYR B 300 16.94 2.51 2.17
N THR B 301 18.00 1.73 2.17
CA THR B 301 19.15 1.97 1.26
C THR B 301 18.99 1.08 0.03
N ASN B 302 17.91 0.32 -0.04
CA ASN B 302 17.77 -0.73 -1.08
C ASN B 302 16.95 -0.25 -2.29
N VAL B 303 16.99 1.03 -2.60
CA VAL B 303 16.30 1.69 -3.73
C VAL B 303 17.14 1.55 -5.00
N LEU B 304 16.58 0.98 -6.07
CA LEU B 304 17.24 0.99 -7.42
C LEU B 304 16.38 1.80 -8.40
N TRP B 305 17.03 2.50 -9.35
CA TRP B 305 16.34 3.20 -10.43
C TRP B 305 16.10 2.19 -11.59
N GLY B 306 15.00 2.38 -12.32
CA GLY B 306 14.67 1.63 -13.55
C GLY B 306 14.07 2.52 -14.57
N SER B 307 14.35 2.25 -15.86
CA SER B 307 13.75 3.00 -16.96
C SER B 307 12.32 2.52 -17.22
N ASP B 308 12.00 1.27 -16.88
CA ASP B 308 10.82 0.49 -17.38
C ASP B 308 10.62 0.67 -18.90
N TYR B 309 11.72 0.70 -19.65
CA TYR B 309 11.68 0.79 -21.14
C TYR B 309 10.90 -0.43 -21.65
N PRO B 310 9.94 -0.36 -22.61
CA PRO B 310 9.42 0.84 -23.28
C PRO B 310 8.06 1.38 -22.86
N HIS B 311 7.67 1.08 -21.61
CA HIS B 311 6.32 1.39 -21.12
C HIS B 311 6.16 2.90 -21.00
N LEU B 312 4.91 3.37 -21.11
CA LEU B 312 4.45 4.76 -20.98
C LEU B 312 4.96 5.27 -19.62
N GLU B 313 4.93 4.41 -18.60
CA GLU B 313 5.15 4.83 -17.19
C GLU B 313 6.66 4.95 -16.96
N GLY B 314 7.49 4.56 -17.94
CA GLY B 314 8.95 4.71 -17.83
C GLY B 314 9.48 6.06 -18.30
N THR B 315 10.79 6.18 -18.43
CA THR B 315 11.52 7.47 -18.64
C THR B 315 11.79 7.72 -20.13
N PHE B 316 11.90 6.66 -20.93
CA PHE B 316 12.26 6.76 -22.37
C PHE B 316 11.34 7.72 -23.09
N PRO B 317 11.85 8.62 -23.98
CA PRO B 317 13.28 8.79 -24.26
C PRO B 317 13.92 9.98 -23.50
N ARG B 318 13.39 10.29 -22.32
CA ARG B 318 13.81 11.49 -21.52
C ARG B 318 14.58 11.02 -20.28
N THR B 319 15.28 9.88 -20.34
CA THR B 319 16.00 9.30 -19.18
C THR B 319 16.92 10.37 -18.54
N GLN B 320 17.76 11.01 -19.36
CA GLN B 320 18.76 12.00 -18.86
C GLN B 320 18.05 13.21 -18.22
N GLU B 321 16.99 13.72 -18.82
CA GLU B 321 16.19 14.86 -18.28
C GLU B 321 15.58 14.47 -16.94
N VAL B 322 15.00 13.26 -16.82
CA VAL B 322 14.37 12.79 -15.56
C VAL B 322 15.44 12.69 -14.48
N VAL B 323 16.53 11.98 -14.73
CA VAL B 323 17.48 11.63 -13.64
C VAL B 323 18.25 12.88 -13.24
N THR B 324 18.61 13.73 -14.19
CA THR B 324 19.38 14.96 -13.86
C THR B 324 18.49 15.82 -12.94
N GLU B 325 17.20 16.00 -13.20
CA GLU B 325 16.28 16.75 -12.31
C GLU B 325 16.08 16.02 -10.97
N LEU B 326 15.88 14.71 -10.97
CA LEU B 326 15.76 13.88 -9.74
C LEU B 326 16.93 14.14 -8.80
N PHE B 327 18.17 14.14 -9.31
CA PHE B 327 19.39 14.12 -8.47
C PHE B 327 20.05 15.52 -8.37
N ALA B 328 19.43 16.56 -8.91
CA ALA B 328 19.92 17.96 -8.71
C ALA B 328 19.97 18.25 -7.21
N GLY B 329 21.14 18.58 -6.69
CA GLY B 329 21.35 18.94 -5.27
C GLY B 329 21.50 17.73 -4.36
N VAL B 330 21.46 16.51 -4.90
CA VAL B 330 21.49 15.27 -4.08
C VAL B 330 22.93 14.82 -3.87
N ASP B 331 23.24 14.32 -2.67
CA ASP B 331 24.58 13.76 -2.36
C ASP B 331 24.95 12.79 -3.49
N PRO B 332 26.10 12.97 -4.16
CA PRO B 332 26.56 12.00 -5.16
C PRO B 332 26.68 10.53 -4.74
N GLU B 333 26.94 10.29 -3.45
CA GLU B 333 26.99 8.94 -2.84
C GLU B 333 25.60 8.30 -2.97
N VAL B 334 24.56 9.09 -2.71
CA VAL B 334 23.14 8.63 -2.77
C VAL B 334 22.78 8.38 -4.24
N ARG B 335 23.16 9.28 -5.13
CA ARG B 335 22.86 9.11 -6.58
C ARG B 335 23.58 7.86 -7.07
N ASP B 336 24.81 7.58 -6.61
CA ASP B 336 25.64 6.40 -6.99
C ASP B 336 24.94 5.13 -6.49
N LEU B 337 24.46 5.16 -5.25
CA LEU B 337 23.80 3.99 -4.62
C LEU B 337 22.54 3.64 -5.42
N ILE B 338 21.74 4.65 -5.78
CA ILE B 338 20.37 4.42 -6.30
C ILE B 338 20.50 4.07 -7.78
N THR B 339 21.45 4.69 -8.49
CA THR B 339 21.47 4.57 -9.98
C THR B 339 22.47 3.50 -10.41
N ARG B 340 23.42 3.06 -9.58
CA ARG B 340 24.51 2.12 -9.99
C ARG B 340 24.74 0.98 -9.02
N ARG B 341 25.00 1.25 -7.74
CA ARG B 341 25.64 0.29 -6.81
C ARG B 341 24.66 -0.81 -6.35
N ASN B 342 23.39 -0.46 -6.07
CA ASN B 342 22.39 -1.50 -5.66
C ASN B 342 22.24 -2.51 -6.82
N PHE B 343 22.20 -2.02 -8.04
CA PHE B 343 22.15 -2.85 -9.29
C PHE B 343 23.29 -3.84 -9.24
N THR B 344 24.54 -3.39 -9.04
CA THR B 344 25.74 -4.26 -9.13
C THR B 344 25.85 -5.18 -7.90
N ASP B 345 25.15 -4.90 -6.78
CA ASP B 345 25.11 -5.87 -5.65
C ASP B 345 24.31 -7.12 -6.07
N LEU B 346 23.17 -6.89 -6.73
CA LEU B 346 22.14 -7.88 -7.19
C LEU B 346 22.70 -8.62 -8.43
N PHE B 347 23.16 -7.86 -9.43
CA PHE B 347 23.37 -8.33 -10.83
C PHE B 347 24.80 -8.01 -11.28
N THR B 348 25.39 -8.95 -12.02
CA THR B 348 26.77 -8.87 -12.55
C THR B 348 26.70 -8.38 -13.99
N VAL B 349 27.25 -7.20 -14.25
CA VAL B 349 27.58 -6.69 -15.60
C VAL B 349 29.03 -6.19 -15.56
N PRO B 350 29.68 -5.96 -16.73
CA PRO B 350 31.04 -5.40 -16.72
C PRO B 350 31.04 -4.05 -16.01
N ALA B 351 31.98 -3.87 -15.09
CA ALA B 351 32.11 -2.68 -14.23
C ALA B 351 32.63 -1.50 -15.04
N LEU B 352 31.94 -0.36 -15.00
CA LEU B 352 32.46 0.93 -15.48
C LEU B 352 33.45 1.50 -14.45
N PRO B 353 34.38 2.39 -14.86
CA PRO B 353 35.09 3.25 -13.91
C PRO B 353 34.10 4.08 -13.08
N ALA B 354 33.99 3.81 -11.77
CA ALA B 354 33.02 4.41 -10.83
C ALA B 354 33.44 5.86 -10.51
N THR B 355 32.96 6.82 -11.30
CA THR B 355 33.11 8.28 -11.06
C THR B 355 32.34 8.62 -9.77
N VAL B 356 33.05 9.00 -8.70
CA VAL B 356 32.55 9.17 -7.29
C VAL B 356 31.46 8.13 -7.01
#